data_6LH4
#
_entry.id   6LH4
#
_cell.length_a   79.900
_cell.length_b   106.200
_cell.length_c   79.900
_cell.angle_alpha   90.000
_cell.angle_beta   120.000
_cell.angle_gamma   90.000
#
_symmetry.space_group_name_H-M   'P 1 21 1'
#
loop_
_entity.id
_entity.type
_entity.pdbx_description
1 polymer 'ADP-ribose glycohydrolase MACROD1'
2 non-polymer '[(2R,3S,4R,5R)-5-(6-AMINOPURIN-9-YL)-3,4-DIHYDROXY-OXOLAN-2-YL]METHYL [HYDROXY-[[(2R,3S,4R,5S)-3,4,5-TRIHYDROXYOXOLAN-2-YL]METHOXY]PHOSPHORYL] HYDROGEN PHOSPHATE'
3 water water
#
_entity_poly.entity_id   1
_entity_poly.type   'polypeptide(L)'
_entity_poly.pdbx_seq_one_letter_code
;TSTDWKEAKSFLKGLSDKQREEHYFCKDFVRLKKIPTWKEMAKGVAVKVEEPRYKKDKQLNEKISLLRSDITKLEVDAIV
NAANSSLLGGGGVDGCIHRAAGPLLTDECRTLQSCKTGKAKITGGYRLPAKYVIHTVGPIAYGEPSASQAAELRSCYLSS
LDLLLEHRLRSVAFPCISTGVFGYPCEAAAEIVLATLREWLEQHKDKVDRLIICVFLEKDEDIYRSRLPHYFPVA
;
_entity_poly.pdbx_strand_id   A,B,C,D
#
loop_
_chem_comp.id
_chem_comp.type
_chem_comp.name
_chem_comp.formula
AR6 non-polymer '[(2R,3S,4R,5R)-5-(6-AMINOPURIN-9-YL)-3,4-DIHYDROXY-OXOLAN-2-YL]METHYL [HYDROXY-[[(2R,3S,4R,5S)-3,4,5-TRIHYDROXYOXOLAN-2-YL]METHOXY]PHOSPHORYL] HYDROGEN PHOSPHATE' 'C15 H23 N5 O14 P2'
#
# COMPACT_ATOMS: atom_id res chain seq x y z
N THR A 1 -18.64 11.37 -14.96
CA THR A 1 -17.67 10.57 -14.23
C THR A 1 -18.24 10.01 -12.94
N SER A 2 -18.44 10.87 -11.94
CA SER A 2 -18.97 10.44 -10.64
C SER A 2 -20.49 10.35 -10.61
N THR A 3 -21.16 10.54 -11.76
CA THR A 3 -22.53 10.13 -11.94
C THR A 3 -22.68 9.10 -13.06
N ASP A 4 -21.58 8.72 -13.72
CA ASP A 4 -21.63 7.62 -14.68
C ASP A 4 -22.25 6.37 -14.04
N TRP A 5 -21.68 5.90 -12.94
CA TRP A 5 -22.19 4.68 -12.31
C TRP A 5 -23.63 4.86 -11.87
N LYS A 6 -23.97 6.03 -11.33
CA LYS A 6 -25.34 6.33 -10.94
C LYS A 6 -26.31 6.13 -12.08
N GLU A 7 -25.98 6.67 -13.26
CA GLU A 7 -26.87 6.58 -14.41
C GLU A 7 -27.03 5.15 -14.88
N ALA A 8 -25.90 4.44 -15.06
CA ALA A 8 -25.96 3.05 -15.48
C ALA A 8 -26.74 2.20 -14.48
N LYS A 9 -26.41 2.33 -13.18
CA LYS A 9 -27.12 1.59 -12.13
C LYS A 9 -28.63 1.82 -12.21
N SER A 10 -29.06 3.09 -12.21
CA SER A 10 -30.49 3.38 -12.27
C SER A 10 -31.11 2.85 -13.56
N PHE A 11 -30.37 2.94 -14.67
CA PHE A 11 -30.85 2.47 -15.96
C PHE A 11 -31.14 0.98 -15.93
N LEU A 12 -30.14 0.18 -15.57
CA LEU A 12 -30.34 -1.27 -15.49
C LEU A 12 -31.49 -1.62 -14.56
N LYS A 13 -31.75 -0.78 -13.56
CA LYS A 13 -32.79 -1.05 -12.57
C LYS A 13 -34.16 -1.16 -13.21
N GLY A 14 -34.37 -0.43 -14.31
CA GLY A 14 -35.69 -0.36 -14.92
C GLY A 14 -35.93 -1.46 -15.93
N LEU A 15 -34.85 -2.05 -16.42
CA LEU A 15 -34.97 -3.08 -17.45
C LEU A 15 -35.61 -4.34 -16.90
N SER A 16 -36.45 -4.97 -17.71
CA SER A 16 -36.90 -6.33 -17.43
C SER A 16 -35.70 -7.28 -17.48
N ASP A 17 -35.80 -8.39 -16.75
CA ASP A 17 -34.63 -9.24 -16.61
C ASP A 17 -34.22 -9.95 -17.90
N LYS A 18 -35.06 -9.95 -18.93
CA LYS A 18 -34.54 -10.42 -20.21
C LYS A 18 -34.09 -9.27 -21.11
N GLN A 19 -34.50 -8.03 -20.81
CA GLN A 19 -33.78 -6.89 -21.38
C GLN A 19 -32.35 -6.83 -20.85
N ARG A 20 -32.18 -7.11 -19.56
CA ARG A 20 -30.85 -7.09 -18.96
C ARG A 20 -29.91 -8.08 -19.63
N GLU A 21 -30.45 -9.21 -20.09
CA GLU A 21 -29.58 -10.27 -20.62
C GLU A 21 -28.73 -9.76 -21.77
N GLU A 22 -29.30 -8.88 -22.61
CA GLU A 22 -28.53 -8.31 -23.72
C GLU A 22 -27.31 -7.54 -23.21
N HIS A 23 -27.39 -6.98 -22.01
CA HIS A 23 -26.32 -6.16 -21.46
C HIS A 23 -25.26 -6.96 -20.69
N TYR A 24 -25.45 -8.28 -20.49
CA TYR A 24 -24.53 -9.06 -19.68
C TYR A 24 -23.18 -9.20 -20.38
N PHE A 25 -22.08 -9.15 -19.62
CA PHE A 25 -20.78 -9.35 -20.23
C PHE A 25 -20.62 -10.72 -20.88
N CYS A 26 -21.39 -11.71 -20.44
CA CYS A 26 -21.29 -13.09 -20.93
C CYS A 26 -22.61 -13.50 -21.56
N LYS A 27 -22.53 -14.41 -22.53
CA LYS A 27 -23.77 -15.02 -23.06
C LYS A 27 -24.10 -16.33 -22.40
N ASP A 28 -23.14 -16.97 -21.73
CA ASP A 28 -23.29 -18.27 -21.10
C ASP A 28 -23.62 -18.13 -19.60
N PHE A 29 -24.60 -17.30 -19.26
CA PHE A 29 -24.91 -17.14 -17.84
C PHE A 29 -25.70 -18.35 -17.34
N VAL A 30 -25.78 -18.47 -16.02
CA VAL A 30 -26.47 -19.57 -15.36
C VAL A 30 -27.72 -18.99 -14.71
N ARG A 31 -28.89 -19.42 -15.17
CA ARG A 31 -30.13 -18.98 -14.56
C ARG A 31 -30.34 -19.74 -13.25
N LEU A 32 -30.96 -19.06 -12.30
CA LEU A 32 -31.20 -19.67 -10.99
C LEU A 32 -32.05 -20.93 -11.15
N LYS A 33 -33.06 -20.90 -12.02
CA LYS A 33 -33.94 -22.06 -12.24
C LYS A 33 -33.15 -23.32 -12.62
N LYS A 34 -32.00 -23.17 -13.25
CA LYS A 34 -31.20 -24.29 -13.72
C LYS A 34 -30.14 -24.73 -12.73
N ILE A 35 -30.06 -24.07 -11.58
CA ILE A 35 -29.13 -24.46 -10.51
C ILE A 35 -29.89 -25.41 -9.59
N PRO A 36 -29.48 -26.68 -9.48
CA PRO A 36 -30.22 -27.61 -8.63
C PRO A 36 -30.00 -27.35 -7.14
N THR A 37 -31.04 -27.66 -6.37
CA THR A 37 -30.96 -27.52 -4.91
C THR A 37 -30.27 -28.73 -4.30
N TRP A 38 -29.95 -28.59 -3.01
CA TRP A 38 -29.33 -29.69 -2.30
C TRP A 38 -30.28 -30.88 -2.18
N LYS A 39 -31.58 -30.63 -2.06
CA LYS A 39 -32.55 -31.72 -2.06
C LYS A 39 -32.42 -32.56 -3.33
N GLU A 40 -32.40 -31.89 -4.49
CA GLU A 40 -32.23 -32.61 -5.76
C GLU A 40 -30.84 -33.23 -5.85
N MET A 41 -29.79 -32.44 -5.58
CA MET A 41 -28.42 -32.91 -5.75
C MET A 41 -28.10 -34.10 -4.85
N ALA A 42 -28.80 -34.24 -3.73
CA ALA A 42 -28.52 -35.31 -2.80
C ALA A 42 -29.12 -36.65 -3.21
N LYS A 43 -30.09 -36.66 -4.14
CA LYS A 43 -30.57 -37.93 -4.70
C LYS A 43 -29.36 -38.74 -5.19
N GLY A 44 -29.32 -40.01 -4.81
CA GLY A 44 -28.32 -40.92 -5.29
C GLY A 44 -26.95 -40.83 -4.64
N VAL A 45 -26.76 -39.97 -3.64
CA VAL A 45 -25.45 -39.78 -3.03
C VAL A 45 -25.36 -40.60 -1.75
N ALA A 46 -24.24 -41.33 -1.60
CA ALA A 46 -24.04 -42.19 -0.43
C ALA A 46 -23.63 -41.33 0.76
N VAL A 47 -24.52 -41.23 1.75
CA VAL A 47 -24.24 -40.52 2.99
C VAL A 47 -23.61 -41.50 3.97
N LYS A 48 -22.31 -41.36 4.22
CA LYS A 48 -21.64 -42.27 5.13
C LYS A 48 -22.10 -42.00 6.56
N VAL A 49 -22.44 -43.08 7.27
CA VAL A 49 -23.25 -42.99 8.48
C VAL A 49 -22.46 -42.29 9.59
N GLU A 50 -23.16 -41.44 10.35
CA GLU A 50 -22.51 -40.57 11.31
C GLU A 50 -23.42 -40.37 12.52
N GLU A 51 -22.81 -40.01 13.62
CA GLU A 51 -23.54 -39.45 14.74
C GLU A 51 -24.24 -38.17 14.28
N PRO A 52 -25.58 -38.11 14.31
CA PRO A 52 -26.27 -36.94 13.77
C PRO A 52 -26.08 -35.70 14.64
N ARG A 53 -25.93 -34.55 13.97
CA ARG A 53 -25.80 -33.26 14.62
C ARG A 53 -26.90 -32.27 14.23
N TYR A 54 -27.69 -32.60 13.23
CA TYR A 54 -28.75 -31.72 12.75
C TYR A 54 -29.93 -32.58 12.34
N LYS A 55 -31.13 -32.03 12.46
CA LYS A 55 -32.32 -32.67 11.93
C LYS A 55 -32.43 -32.44 10.44
N LYS A 56 -32.80 -33.48 9.70
CA LYS A 56 -33.12 -33.31 8.29
C LYS A 56 -34.31 -32.37 8.15
N ASP A 57 -34.20 -31.40 7.24
CA ASP A 57 -35.27 -30.44 6.99
C ASP A 57 -35.39 -30.24 5.49
N LYS A 58 -36.42 -30.87 4.92
CA LYS A 58 -36.70 -30.81 3.48
C LYS A 58 -36.70 -29.39 2.97
N GLN A 59 -37.38 -28.49 3.69
CA GLN A 59 -37.54 -27.12 3.21
C GLN A 59 -36.22 -26.36 3.20
N LEU A 60 -35.36 -26.58 4.20
CA LEU A 60 -34.04 -25.92 4.18
C LEU A 60 -33.16 -26.50 3.07
N ASN A 61 -33.29 -27.80 2.79
CA ASN A 61 -32.53 -28.38 1.70
C ASN A 61 -32.96 -27.84 0.35
N GLU A 62 -34.17 -27.28 0.26
CA GLU A 62 -34.63 -26.65 -0.97
C GLU A 62 -34.04 -25.27 -1.19
N LYS A 63 -33.42 -24.67 -0.17
CA LYS A 63 -32.98 -23.28 -0.26
C LYS A 63 -31.47 -23.10 -0.26
N ILE A 64 -30.70 -24.18 -0.29
CA ILE A 64 -29.26 -24.08 -0.39
C ILE A 64 -28.79 -24.87 -1.60
N SER A 65 -27.79 -24.33 -2.32
CA SER A 65 -27.19 -25.04 -3.43
C SER A 65 -25.67 -25.00 -3.29
N LEU A 66 -25.03 -26.03 -3.83
CA LEU A 66 -23.59 -26.08 -3.97
C LEU A 66 -23.29 -26.22 -5.45
N LEU A 67 -22.46 -25.33 -5.98
CA LEU A 67 -22.17 -25.33 -7.41
C LEU A 67 -20.71 -24.97 -7.62
N ARG A 68 -20.03 -25.74 -8.45
CA ARG A 68 -18.72 -25.36 -8.94
C ARG A 68 -18.90 -24.49 -10.18
N SER A 69 -18.51 -23.22 -10.07
CA SER A 69 -18.67 -22.32 -11.20
C SER A 69 -17.88 -21.05 -10.95
N ASP A 70 -17.54 -20.38 -12.04
CA ASP A 70 -17.15 -18.99 -12.03
C ASP A 70 -18.32 -18.19 -11.51
N ILE A 71 -18.14 -17.46 -10.40
CA ILE A 71 -19.30 -16.85 -9.76
C ILE A 71 -19.86 -15.72 -10.59
N THR A 72 -19.06 -15.13 -11.50
CA THR A 72 -19.56 -14.01 -12.29
C THR A 72 -20.63 -14.44 -13.28
N LYS A 73 -20.76 -15.73 -13.55
CA LYS A 73 -21.76 -16.18 -14.51
C LYS A 73 -23.15 -16.37 -13.90
N LEU A 74 -23.30 -16.28 -12.58
CA LEU A 74 -24.57 -16.65 -11.95
C LEU A 74 -25.54 -15.49 -12.04
N GLU A 75 -26.71 -15.76 -12.61
CA GLU A 75 -27.78 -14.77 -12.72
C GLU A 75 -28.62 -14.86 -11.45
N VAL A 76 -28.18 -14.15 -10.40
CA VAL A 76 -28.85 -14.12 -9.10
C VAL A 76 -28.98 -12.65 -8.68
N ASP A 77 -29.69 -12.43 -7.57
CA ASP A 77 -29.86 -11.06 -7.09
C ASP A 77 -28.53 -10.46 -6.64
N ALA A 78 -27.65 -11.27 -6.06
CA ALA A 78 -26.40 -10.75 -5.54
C ALA A 78 -25.35 -11.86 -5.55
N ILE A 79 -24.14 -11.52 -5.98
CA ILE A 79 -22.98 -12.34 -5.69
C ILE A 79 -22.14 -11.59 -4.67
N VAL A 80 -21.46 -12.35 -3.82
CA VAL A 80 -20.65 -11.78 -2.76
C VAL A 80 -19.21 -11.79 -3.22
N ASN A 81 -18.51 -10.69 -2.95
CA ASN A 81 -17.14 -10.51 -3.40
C ASN A 81 -16.23 -10.65 -2.19
N ALA A 82 -15.18 -11.47 -2.32
CA ALA A 82 -14.12 -11.54 -1.32
C ALA A 82 -13.18 -10.36 -1.52
N ALA A 83 -13.54 -9.21 -0.93
CA ALA A 83 -12.90 -7.94 -1.26
C ALA A 83 -11.70 -7.65 -0.35
N ASN A 84 -11.07 -6.48 -0.55
CA ASN A 84 -10.13 -5.96 0.44
C ASN A 84 -10.71 -4.70 1.08
N SER A 85 -10.09 -4.27 2.17
CA SER A 85 -10.63 -3.14 2.93
C SER A 85 -10.65 -1.84 2.14
N SER A 86 -9.91 -1.75 1.05
CA SER A 86 -9.92 -0.55 0.22
C SER A 86 -10.96 -0.62 -0.89
N LEU A 87 -11.58 -1.78 -1.10
CA LEU A 87 -12.46 -2.00 -2.25
C LEU A 87 -11.78 -1.62 -3.56
N LEU A 88 -10.49 -1.97 -3.68
CA LEU A 88 -9.73 -1.66 -4.89
C LEU A 88 -9.71 -2.78 -5.92
N GLY A 89 -10.21 -3.97 -5.60
CA GLY A 89 -10.03 -5.11 -6.49
C GLY A 89 -8.78 -5.88 -6.12
N GLY A 90 -8.52 -6.95 -6.86
CA GLY A 90 -7.36 -7.76 -6.55
C GLY A 90 -7.30 -8.96 -7.46
N GLY A 91 -6.37 -9.88 -7.15
CA GLY A 91 -6.13 -11.02 -8.01
C GLY A 91 -6.98 -12.26 -7.80
N GLY A 92 -7.86 -12.28 -6.81
CA GLY A 92 -8.73 -13.44 -6.62
C GLY A 92 -10.03 -13.25 -7.36
N VAL A 93 -11.13 -13.66 -6.74
CA VAL A 93 -12.44 -13.49 -7.35
C VAL A 93 -12.82 -12.03 -7.44
N ASP A 94 -12.25 -11.19 -6.57
CA ASP A 94 -12.41 -9.74 -6.67
C ASP A 94 -12.01 -9.24 -8.07
N GLY A 95 -10.92 -9.79 -8.60
CA GLY A 95 -10.49 -9.38 -9.94
C GLY A 95 -11.44 -9.85 -11.02
N CYS A 96 -11.95 -11.09 -10.89
CA CYS A 96 -12.92 -11.59 -11.86
C CYS A 96 -14.18 -10.75 -11.83
N ILE A 97 -14.62 -10.33 -10.65
CA ILE A 97 -15.88 -9.61 -10.52
C ILE A 97 -15.73 -8.20 -11.11
N HIS A 98 -14.60 -7.55 -10.84
CA HIS A 98 -14.35 -6.21 -11.38
C HIS A 98 -14.21 -6.25 -12.90
N ARG A 99 -13.49 -7.23 -13.44
CA ARG A 99 -13.34 -7.32 -14.90
C ARG A 99 -14.67 -7.61 -15.55
N ALA A 100 -15.47 -8.50 -14.94
CA ALA A 100 -16.73 -8.89 -15.55
C ALA A 100 -17.79 -7.80 -15.40
N ALA A 101 -17.79 -7.08 -14.27
CA ALA A 101 -18.79 -6.05 -14.05
C ALA A 101 -18.48 -4.78 -14.83
N GLY A 102 -17.20 -4.39 -14.92
CA GLY A 102 -16.80 -3.23 -15.69
C GLY A 102 -16.16 -2.16 -14.84
N PRO A 103 -15.61 -1.10 -15.47
CA PRO A 103 -14.97 -0.05 -14.68
C PRO A 103 -15.95 0.76 -13.84
N LEU A 104 -17.26 0.72 -14.16
CA LEU A 104 -18.22 1.47 -13.36
C LEU A 104 -18.40 0.87 -11.97
N LEU A 105 -18.18 -0.44 -11.83
CA LEU A 105 -18.15 -1.04 -10.50
C LEU A 105 -17.08 -0.38 -9.63
N THR A 106 -15.90 -0.17 -10.21
CA THR A 106 -14.83 0.52 -9.49
C THR A 106 -15.27 1.91 -9.04
N ASP A 107 -16.04 2.63 -9.85
CA ASP A 107 -16.41 3.99 -9.45
C ASP A 107 -17.37 3.99 -8.26
N GLU A 108 -18.37 3.10 -8.27
CA GLU A 108 -19.23 3.00 -7.10
C GLU A 108 -18.43 2.61 -5.86
N CYS A 109 -17.47 1.70 -6.00
CA CYS A 109 -16.66 1.25 -4.84
C CYS A 109 -15.88 2.43 -4.24
N ARG A 110 -15.43 3.35 -5.09
CA ARG A 110 -14.64 4.52 -4.65
C ARG A 110 -15.51 5.39 -3.73
N THR A 111 -16.78 5.58 -4.07
CA THR A 111 -17.73 6.34 -3.22
C THR A 111 -17.90 5.59 -1.91
N LEU A 112 -18.08 4.29 -1.93
CA LEU A 112 -17.93 3.55 -0.66
C LEU A 112 -16.42 3.60 -0.50
N GLN A 113 -15.88 4.01 0.63
CA GLN A 113 -14.41 4.21 0.57
C GLN A 113 -13.63 3.02 1.11
N SER A 114 -14.28 2.29 1.99
CA SER A 114 -13.64 1.17 2.69
C SER A 114 -14.70 0.20 3.17
N CYS A 115 -14.24 -0.94 3.65
CA CYS A 115 -15.09 -1.95 4.29
C CYS A 115 -14.25 -2.60 5.39
N LYS A 116 -14.78 -2.68 6.59
CA LYS A 116 -14.00 -3.32 7.64
C LYS A 116 -14.13 -4.85 7.55
N THR A 117 -13.11 -5.52 8.10
CA THR A 117 -13.12 -6.97 8.22
C THR A 117 -14.42 -7.44 8.86
N GLY A 118 -15.00 -8.52 8.33
CA GLY A 118 -16.24 -9.04 8.87
C GLY A 118 -17.50 -8.24 8.55
N LYS A 119 -17.36 -7.11 7.86
CA LYS A 119 -18.48 -6.24 7.46
C LYS A 119 -18.72 -6.34 5.96
N ALA A 120 -19.73 -5.61 5.48
CA ALA A 120 -20.17 -5.75 4.10
C ALA A 120 -20.82 -4.46 3.60
N LYS A 121 -20.72 -4.23 2.29
CA LYS A 121 -21.41 -3.14 1.61
C LYS A 121 -21.87 -3.62 0.23
N ILE A 122 -22.91 -2.97 -0.29
CA ILE A 122 -23.53 -3.40 -1.55
C ILE A 122 -23.28 -2.35 -2.64
N THR A 123 -23.00 -2.81 -3.86
CA THR A 123 -22.97 -1.96 -5.06
C THR A 123 -23.87 -2.57 -6.12
N GLY A 124 -24.05 -1.83 -7.19
CA GLY A 124 -24.78 -2.41 -8.32
C GLY A 124 -23.91 -3.45 -9.00
N GLY A 125 -24.49 -4.28 -9.88
CA GLY A 125 -23.75 -5.36 -10.56
C GLY A 125 -23.22 -5.00 -11.94
N TYR A 126 -23.72 -3.93 -12.55
CA TYR A 126 -23.23 -3.46 -13.87
C TYR A 126 -23.36 -4.58 -14.93
N ARG A 127 -22.27 -4.92 -15.60
CA ARG A 127 -22.30 -5.92 -16.71
C ARG A 127 -22.59 -7.35 -16.21
N LEU A 128 -22.42 -7.61 -14.92
CA LEU A 128 -22.64 -8.94 -14.32
C LEU A 128 -24.12 -9.33 -14.48
N PRO A 129 -24.40 -10.60 -14.77
CA PRO A 129 -25.76 -11.12 -14.67
C PRO A 129 -26.39 -10.89 -13.30
N ALA A 130 -25.59 -10.92 -12.22
CA ALA A 130 -26.10 -10.58 -10.91
C ALA A 130 -26.47 -9.11 -10.81
N LYS A 131 -27.59 -8.84 -10.16
CA LYS A 131 -28.09 -7.47 -10.09
C LYS A 131 -27.24 -6.62 -9.17
N TYR A 132 -26.76 -7.19 -8.05
CA TYR A 132 -25.95 -6.46 -7.09
C TYR A 132 -24.71 -7.28 -6.72
N VAL A 133 -23.72 -6.60 -6.15
CA VAL A 133 -22.54 -7.24 -5.58
C VAL A 133 -22.46 -6.83 -4.13
N ILE A 134 -22.30 -7.81 -3.26
CA ILE A 134 -22.13 -7.55 -1.83
C ILE A 134 -20.66 -7.80 -1.54
N HIS A 135 -19.95 -6.74 -1.15
CA HIS A 135 -18.51 -6.80 -0.92
C HIS A 135 -18.26 -6.98 0.55
N THR A 136 -17.44 -7.96 0.90
CA THR A 136 -17.10 -8.15 2.30
C THR A 136 -15.62 -8.48 2.41
N VAL A 137 -15.06 -8.22 3.57
CA VAL A 137 -13.62 -8.39 3.80
C VAL A 137 -13.42 -9.48 4.84
N GLY A 138 -12.86 -10.61 4.41
CA GLY A 138 -12.56 -11.70 5.30
C GLY A 138 -11.32 -11.47 6.15
N PRO A 139 -11.18 -12.28 7.21
CA PRO A 139 -9.93 -12.24 7.99
C PRO A 139 -8.76 -12.75 7.17
N ILE A 140 -7.58 -12.24 7.48
CA ILE A 140 -6.34 -12.68 6.84
C ILE A 140 -5.67 -13.69 7.77
N ALA A 141 -5.66 -14.95 7.35
CA ALA A 141 -5.38 -16.04 8.27
C ALA A 141 -3.90 -16.34 8.45
N TYR A 142 -3.10 -16.26 7.39
CA TYR A 142 -1.69 -16.59 7.48
C TYR A 142 -1.50 -18.00 8.02
N GLY A 143 -2.26 -18.93 7.48
CA GLY A 143 -2.15 -20.33 7.84
C GLY A 143 -2.95 -20.86 9.01
N GLU A 144 -2.89 -20.18 10.17
CA GLU A 144 -3.49 -20.68 11.40
C GLU A 144 -4.39 -19.62 12.03
N PRO A 145 -5.69 -19.62 11.69
CA PRO A 145 -6.58 -18.57 12.17
C PRO A 145 -6.86 -18.65 13.68
N SER A 146 -7.04 -17.48 14.27
CA SER A 146 -7.42 -17.40 15.67
C SER A 146 -8.93 -17.54 15.82
N ALA A 147 -9.37 -17.81 17.05
CA ALA A 147 -10.79 -17.89 17.35
C ALA A 147 -11.50 -16.59 16.97
N SER A 148 -10.88 -15.46 17.26
CA SER A 148 -11.46 -14.19 16.84
C SER A 148 -11.56 -14.08 15.32
N GLN A 149 -10.61 -14.70 14.60
CA GLN A 149 -10.67 -14.73 13.15
C GLN A 149 -11.74 -15.69 12.64
N ALA A 150 -11.99 -16.80 13.35
CA ALA A 150 -13.11 -17.65 12.97
C ALA A 150 -14.41 -16.87 13.09
N ALA A 151 -14.51 -15.98 14.07
CA ALA A 151 -15.71 -15.17 14.24
C ALA A 151 -15.84 -14.14 13.12
N GLU A 152 -14.72 -13.53 12.71
CA GLU A 152 -14.74 -12.56 11.61
C GLU A 152 -15.23 -13.20 10.31
N LEU A 153 -14.80 -14.44 10.03
CA LEU A 153 -15.24 -15.12 8.82
C LEU A 153 -16.74 -15.37 8.85
N ARG A 154 -17.23 -15.94 9.97
CA ARG A 154 -18.68 -16.09 10.13
C ARG A 154 -19.35 -14.74 9.94
N SER A 155 -18.76 -13.68 10.47
CA SER A 155 -19.36 -12.35 10.36
C SER A 155 -19.41 -11.84 8.91
N CYS A 156 -18.46 -12.19 8.04
CA CYS A 156 -18.68 -11.80 6.63
C CYS A 156 -19.96 -12.40 6.07
N TYR A 157 -20.22 -13.66 6.37
CA TYR A 157 -21.42 -14.30 5.82
C TYR A 157 -22.69 -13.69 6.42
N LEU A 158 -22.71 -13.44 7.73
CA LEU A 158 -23.91 -12.87 8.35
C LEU A 158 -24.16 -11.42 7.92
N SER A 159 -23.09 -10.60 7.82
CA SER A 159 -23.28 -9.22 7.37
C SER A 159 -23.75 -9.18 5.92
N SER A 160 -23.24 -10.12 5.12
CA SER A 160 -23.66 -10.26 3.74
C SER A 160 -25.15 -10.60 3.68
N LEU A 161 -25.60 -11.58 4.48
CA LEU A 161 -27.01 -11.97 4.46
C LEU A 161 -27.87 -10.87 5.07
N ASP A 162 -27.39 -10.21 6.13
CA ASP A 162 -28.10 -9.05 6.68
C ASP A 162 -28.38 -8.01 5.60
N LEU A 163 -27.37 -7.69 4.76
CA LEU A 163 -27.56 -6.74 3.68
C LEU A 163 -28.55 -7.27 2.64
N LEU A 164 -28.47 -8.56 2.34
CA LEU A 164 -29.46 -9.15 1.45
C LEU A 164 -30.87 -8.89 1.97
N LEU A 165 -31.08 -9.17 3.25
CA LEU A 165 -32.40 -8.98 3.88
C LEU A 165 -32.85 -7.54 3.81
N GLU A 166 -31.96 -6.60 4.19
CA GLU A 166 -32.33 -5.19 4.20
C GLU A 166 -32.73 -4.71 2.82
N HIS A 167 -32.08 -5.22 1.78
CA HIS A 167 -32.39 -4.82 0.41
C HIS A 167 -33.47 -5.70 -0.23
N ARG A 168 -34.09 -6.60 0.55
CA ARG A 168 -35.20 -7.43 0.09
C ARG A 168 -34.83 -8.24 -1.15
N LEU A 169 -33.61 -8.77 -1.14
CA LEU A 169 -33.14 -9.70 -2.16
C LEU A 169 -33.28 -11.13 -1.67
N ARG A 170 -33.45 -12.06 -2.61
CA ARG A 170 -33.81 -13.43 -2.23
C ARG A 170 -32.90 -14.51 -2.80
N SER A 171 -31.86 -14.16 -3.58
CA SER A 171 -30.88 -15.13 -4.01
C SER A 171 -29.49 -14.53 -3.94
N VAL A 172 -28.53 -15.32 -3.44
CA VAL A 172 -27.16 -14.86 -3.24
C VAL A 172 -26.20 -16.04 -3.43
N ALA A 173 -25.04 -15.76 -4.01
CA ALA A 173 -23.99 -16.75 -4.09
C ALA A 173 -22.75 -16.18 -3.40
N PHE A 174 -22.04 -17.07 -2.73
CA PHE A 174 -20.85 -16.80 -1.95
C PHE A 174 -19.67 -17.51 -2.59
N PRO A 175 -18.53 -16.84 -2.69
CA PRO A 175 -17.29 -17.55 -2.99
C PRO A 175 -16.68 -18.05 -1.69
N CYS A 176 -15.53 -18.72 -1.78
CA CYS A 176 -14.92 -19.32 -0.59
C CYS A 176 -14.07 -18.28 0.14
N ILE A 177 -14.74 -17.24 0.63
CA ILE A 177 -14.12 -16.12 1.32
C ILE A 177 -12.92 -16.51 2.19
N SER A 178 -11.81 -15.79 2.03
CA SER A 178 -10.60 -15.80 2.84
C SER A 178 -9.70 -16.98 2.52
N THR A 179 -10.15 -17.96 1.73
CA THR A 179 -9.37 -19.16 1.54
C THR A 179 -8.35 -19.06 0.41
N GLY A 180 -8.35 -17.97 -0.34
CA GLY A 180 -7.38 -17.75 -1.40
C GLY A 180 -6.22 -16.93 -0.90
N VAL A 181 -6.11 -15.68 -1.39
CA VAL A 181 -5.02 -14.78 -0.98
C VAL A 181 -4.93 -14.63 0.53
N PHE A 182 -6.08 -14.67 1.23
CA PHE A 182 -6.05 -14.45 2.67
C PHE A 182 -5.70 -15.72 3.46
N GLY A 183 -5.56 -16.86 2.79
CA GLY A 183 -4.93 -18.02 3.41
C GLY A 183 -5.68 -18.73 4.54
N TYR A 184 -7.00 -18.73 4.52
CA TYR A 184 -7.75 -19.52 5.50
C TYR A 184 -7.79 -20.98 5.04
N PRO A 185 -7.49 -21.94 5.93
CA PRO A 185 -7.57 -23.35 5.52
C PRO A 185 -8.99 -23.70 5.07
N CYS A 186 -9.06 -24.42 3.96
CA CYS A 186 -10.33 -24.62 3.26
C CYS A 186 -11.29 -25.48 4.08
N GLU A 187 -10.76 -26.46 4.81
CA GLU A 187 -11.59 -27.34 5.63
C GLU A 187 -12.24 -26.57 6.78
N ALA A 188 -11.44 -25.83 7.55
CA ALA A 188 -11.99 -25.08 8.66
C ALA A 188 -12.96 -24.00 8.21
N ALA A 189 -12.72 -23.37 7.03
CA ALA A 189 -13.67 -22.37 6.54
C ALA A 189 -15.03 -23.01 6.25
N ALA A 190 -15.03 -24.15 5.57
CA ALA A 190 -16.30 -24.75 5.16
C ALA A 190 -17.14 -25.17 6.37
N GLU A 191 -16.50 -25.65 7.43
CA GLU A 191 -17.24 -25.98 8.66
C GLU A 191 -17.98 -24.75 9.18
N ILE A 192 -17.31 -23.60 9.17
CA ILE A 192 -17.90 -22.37 9.68
C ILE A 192 -19.04 -21.91 8.77
N VAL A 193 -18.83 -21.94 7.45
CA VAL A 193 -19.86 -21.49 6.50
C VAL A 193 -21.10 -22.36 6.62
N LEU A 194 -20.93 -23.68 6.64
CA LEU A 194 -22.08 -24.58 6.65
C LEU A 194 -22.87 -24.46 7.95
N ALA A 195 -22.19 -24.38 9.09
CA ALA A 195 -22.86 -24.14 10.36
C ALA A 195 -23.60 -22.82 10.34
N THR A 196 -22.99 -21.81 9.72
CA THR A 196 -23.54 -20.46 9.70
C THR A 196 -24.77 -20.39 8.82
N LEU A 197 -24.72 -20.99 7.62
CA LEU A 197 -25.86 -20.91 6.72
C LEU A 197 -27.03 -21.73 7.22
N ARG A 198 -26.76 -22.86 7.87
CA ARG A 198 -27.84 -23.66 8.46
C ARG A 198 -28.58 -22.85 9.52
N GLU A 199 -27.85 -22.35 10.51
CA GLU A 199 -28.51 -21.60 11.57
C GLU A 199 -29.21 -20.37 11.00
N TRP A 200 -28.57 -19.67 10.05
CA TRP A 200 -29.21 -18.51 9.44
C TRP A 200 -30.52 -18.91 8.75
N LEU A 201 -30.46 -19.96 7.93
CA LEU A 201 -31.66 -20.46 7.27
C LEU A 201 -32.71 -20.95 8.28
N GLU A 202 -32.28 -21.50 9.42
CA GLU A 202 -33.28 -21.87 10.43
C GLU A 202 -34.13 -20.66 10.78
N GLN A 203 -33.51 -19.49 10.90
CA GLN A 203 -34.21 -18.30 11.34
C GLN A 203 -34.83 -17.49 10.21
N HIS A 204 -34.36 -17.62 8.97
CA HIS A 204 -34.77 -16.69 7.91
C HIS A 204 -35.19 -17.38 6.62
N LYS A 205 -35.58 -18.65 6.67
CA LYS A 205 -35.75 -19.40 5.43
C LYS A 205 -36.82 -18.80 4.54
N ASP A 206 -37.84 -18.18 5.13
CA ASP A 206 -38.93 -17.59 4.35
C ASP A 206 -38.47 -16.38 3.53
N LYS A 207 -37.32 -15.79 3.87
CA LYS A 207 -36.89 -14.53 3.25
C LYS A 207 -36.02 -14.73 2.02
N VAL A 208 -35.64 -15.96 1.69
CA VAL A 208 -34.79 -16.19 0.52
C VAL A 208 -35.34 -17.36 -0.27
N ASP A 209 -35.01 -17.37 -1.56
CA ASP A 209 -35.22 -18.56 -2.39
C ASP A 209 -33.98 -19.45 -2.49
N ARG A 210 -32.77 -18.86 -2.44
CA ARG A 210 -31.57 -19.69 -2.56
C ARG A 210 -30.35 -18.98 -2.01
N LEU A 211 -29.60 -19.70 -1.18
CA LEU A 211 -28.21 -19.40 -0.85
C LEU A 211 -27.34 -20.39 -1.60
N ILE A 212 -26.36 -19.89 -2.33
CA ILE A 212 -25.53 -20.71 -3.21
C ILE A 212 -24.10 -20.67 -2.71
N ILE A 213 -23.52 -21.84 -2.51
CA ILE A 213 -22.11 -22.01 -2.20
C ILE A 213 -21.44 -22.21 -3.56
N CYS A 214 -20.78 -21.17 -4.04
CA CYS A 214 -20.17 -21.23 -5.37
C CYS A 214 -18.70 -21.51 -5.13
N VAL A 215 -18.30 -22.76 -5.33
CA VAL A 215 -16.91 -23.14 -5.16
C VAL A 215 -16.24 -23.04 -6.51
N PHE A 216 -14.92 -22.98 -6.51
CA PHE A 216 -14.15 -22.79 -7.73
C PHE A 216 -13.12 -23.88 -7.95
N LEU A 217 -12.37 -24.24 -6.91
CA LEU A 217 -11.47 -25.37 -6.98
C LEU A 217 -12.21 -26.67 -6.67
N GLU A 218 -11.76 -27.75 -7.31
CA GLU A 218 -12.25 -29.07 -6.98
C GLU A 218 -12.06 -29.36 -5.49
N LYS A 219 -10.96 -28.87 -4.91
CA LYS A 219 -10.66 -29.11 -3.51
C LYS A 219 -11.81 -28.66 -2.61
N ASP A 220 -12.29 -27.43 -2.82
CA ASP A 220 -13.44 -26.98 -2.04
C ASP A 220 -14.71 -27.70 -2.42
N GLU A 221 -14.86 -28.03 -3.70
CA GLU A 221 -16.02 -28.84 -4.09
C GLU A 221 -16.05 -30.15 -3.31
N ASP A 222 -14.91 -30.84 -3.23
CA ASP A 222 -14.83 -32.08 -2.44
C ASP A 222 -15.11 -31.81 -0.97
N ILE A 223 -14.51 -30.76 -0.41
CA ILE A 223 -14.66 -30.44 1.00
C ILE A 223 -16.12 -30.22 1.34
N TYR A 224 -16.79 -29.34 0.57
CA TYR A 224 -18.18 -29.03 0.86
C TYR A 224 -19.11 -30.20 0.62
N ARG A 225 -18.90 -30.96 -0.47
CA ARG A 225 -19.84 -32.04 -0.74
C ARG A 225 -19.79 -33.11 0.36
N SER A 226 -18.65 -33.26 1.02
CA SER A 226 -18.54 -34.26 2.07
C SER A 226 -19.13 -33.78 3.39
N ARG A 227 -19.14 -32.47 3.63
CA ARG A 227 -19.70 -31.96 4.88
C ARG A 227 -21.16 -31.51 4.74
N LEU A 228 -21.67 -31.39 3.51
CA LEU A 228 -23.06 -30.98 3.36
C LEU A 228 -24.05 -31.91 4.05
N PRO A 229 -23.94 -33.25 3.96
CA PRO A 229 -24.95 -34.10 4.60
C PRO A 229 -24.97 -34.02 6.12
N HIS A 230 -23.86 -33.62 6.76
CA HIS A 230 -23.87 -33.44 8.21
C HIS A 230 -24.68 -32.21 8.61
N TYR A 231 -24.52 -31.11 7.88
CA TYR A 231 -25.22 -29.88 8.25
C TYR A 231 -26.59 -29.78 7.61
N PHE A 232 -26.81 -30.45 6.49
CA PHE A 232 -28.10 -30.48 5.81
C PHE A 232 -28.48 -31.93 5.54
N PRO A 233 -28.84 -32.69 6.58
CA PRO A 233 -29.11 -34.12 6.38
C PRO A 233 -30.26 -34.35 5.43
N VAL A 234 -30.20 -35.48 4.73
CA VAL A 234 -31.21 -35.86 3.76
C VAL A 234 -31.88 -37.18 4.10
N ALA A 235 -31.30 -37.95 5.01
CA ALA A 235 -31.95 -39.15 5.52
C ALA A 235 -32.05 -39.07 7.05
N THR B 1 9.19 4.64 -53.12
CA THR B 1 7.78 4.37 -53.41
C THR B 1 7.23 3.49 -52.28
N SER B 2 6.09 2.82 -52.53
CA SER B 2 5.44 2.01 -51.49
C SER B 2 5.80 0.53 -51.58
N THR B 3 6.93 0.20 -52.21
CA THR B 3 7.62 -1.06 -51.96
C THR B 3 8.99 -0.83 -51.34
N ASP B 4 9.38 0.42 -51.12
CA ASP B 4 10.60 0.71 -50.36
C ASP B 4 10.53 0.07 -48.98
N TRP B 5 9.48 0.37 -48.22
CA TRP B 5 9.38 -0.21 -46.88
C TRP B 5 9.28 -1.72 -46.96
N LYS B 6 8.55 -2.24 -47.96
CA LYS B 6 8.41 -3.68 -48.13
C LYS B 6 9.75 -4.36 -48.28
N GLU B 7 10.65 -3.77 -49.04
CA GLU B 7 11.93 -4.44 -49.31
C GLU B 7 12.90 -4.29 -48.15
N ALA B 8 12.91 -3.14 -47.46
CA ALA B 8 13.71 -3.05 -46.23
C ALA B 8 13.18 -4.01 -45.17
N LYS B 9 11.87 -4.00 -44.94
CA LYS B 9 11.26 -4.93 -43.99
C LYS B 9 11.68 -6.37 -44.28
N SER B 10 11.51 -6.80 -45.53
CA SER B 10 11.82 -8.18 -45.91
C SER B 10 13.31 -8.48 -45.73
N PHE B 11 14.16 -7.56 -46.17
CA PHE B 11 15.61 -7.76 -46.08
C PHE B 11 16.05 -7.92 -44.64
N LEU B 12 15.65 -6.99 -43.77
CA LEU B 12 15.98 -7.11 -42.35
C LEU B 12 15.49 -8.42 -41.75
N LYS B 13 14.36 -8.96 -42.24
CA LYS B 13 13.82 -10.21 -41.70
C LYS B 13 14.79 -11.36 -41.86
N GLY B 14 15.61 -11.33 -42.90
CA GLY B 14 16.53 -12.39 -43.18
C GLY B 14 17.85 -12.28 -42.49
N LEU B 15 18.04 -11.25 -41.68
CA LEU B 15 19.29 -11.07 -40.98
C LEU B 15 19.21 -11.70 -39.59
N SER B 16 20.32 -12.30 -39.23
CA SER B 16 20.55 -12.86 -37.90
C SER B 16 20.59 -11.68 -36.93
N ASP B 17 20.36 -11.95 -35.65
CA ASP B 17 20.35 -10.90 -34.61
C ASP B 17 21.73 -10.25 -34.54
N LYS B 18 22.80 -11.02 -34.70
CA LYS B 18 24.15 -10.43 -34.77
C LYS B 18 24.24 -9.48 -35.97
N GLN B 19 23.69 -9.87 -37.11
CA GLN B 19 23.79 -9.02 -38.34
C GLN B 19 23.01 -7.70 -38.26
N ARG B 20 21.82 -7.73 -37.69
CA ARG B 20 20.98 -6.50 -37.74
C ARG B 20 21.65 -5.41 -36.90
N GLU B 21 22.45 -5.78 -35.92
CA GLU B 21 23.02 -4.82 -34.97
C GLU B 21 23.74 -3.73 -35.73
N GLU B 22 24.40 -4.07 -36.82
CA GLU B 22 25.08 -3.04 -37.61
C GLU B 22 24.09 -2.00 -38.12
N HIS B 23 22.88 -2.45 -38.49
CA HIS B 23 21.88 -1.57 -39.10
C HIS B 23 21.15 -0.70 -38.09
N TYR B 24 21.44 -0.85 -36.80
CA TYR B 24 20.70 -0.14 -35.76
C TYR B 24 21.04 1.35 -35.80
N PHE B 25 20.03 2.21 -35.62
CA PHE B 25 20.30 3.63 -35.50
C PHE B 25 21.21 3.94 -34.33
N CYS B 26 21.26 3.08 -33.32
CA CYS B 26 22.04 3.37 -32.13
C CYS B 26 23.09 2.30 -31.91
N LYS B 27 24.21 2.73 -31.33
CA LYS B 27 25.24 1.82 -30.88
C LYS B 27 25.03 1.40 -29.43
N ASP B 28 24.35 2.21 -28.64
CA ASP B 28 24.07 1.90 -27.24
C ASP B 28 22.71 1.22 -27.08
N PHE B 29 22.54 0.09 -27.75
CA PHE B 29 21.29 -0.63 -27.54
C PHE B 29 21.37 -1.47 -26.28
N VAL B 30 20.20 -1.81 -25.75
CA VAL B 30 20.07 -2.58 -24.52
C VAL B 30 19.56 -3.96 -24.90
N ARG B 31 20.35 -4.99 -24.62
CA ARG B 31 19.94 -6.35 -24.93
C ARG B 31 18.96 -6.85 -23.87
N LEU B 32 18.05 -7.73 -24.29
CA LEU B 32 17.05 -8.25 -23.37
C LEU B 32 17.69 -8.95 -22.17
N LYS B 33 18.73 -9.76 -22.42
CA LYS B 33 19.37 -10.51 -21.33
C LYS B 33 20.02 -9.61 -20.28
N LYS B 34 20.31 -8.35 -20.60
CA LYS B 34 20.86 -7.41 -19.63
C LYS B 34 19.78 -6.56 -18.95
N ILE B 35 18.52 -6.76 -19.28
CA ILE B 35 17.41 -6.15 -18.55
C ILE B 35 17.02 -7.11 -17.43
N PRO B 36 17.17 -6.71 -16.16
CA PRO B 36 16.82 -7.63 -15.08
C PRO B 36 15.31 -7.76 -14.92
N THR B 37 14.91 -8.89 -14.37
CA THR B 37 13.52 -9.18 -14.09
C THR B 37 13.12 -8.57 -12.75
N TRP B 38 11.81 -8.51 -12.52
CA TRP B 38 11.33 -8.04 -11.22
C TRP B 38 11.81 -8.96 -10.11
N LYS B 39 11.91 -10.26 -10.39
CA LYS B 39 12.45 -11.20 -9.41
C LYS B 39 13.83 -10.76 -8.94
N GLU B 40 14.74 -10.49 -9.88
CA GLU B 40 16.08 -10.05 -9.50
C GLU B 40 16.06 -8.66 -8.89
N MET B 41 15.30 -7.74 -9.49
CA MET B 41 15.29 -6.33 -9.07
C MET B 41 14.65 -6.11 -7.70
N ALA B 42 13.77 -7.02 -7.26
CA ALA B 42 13.09 -6.81 -5.98
C ALA B 42 13.94 -7.25 -4.78
N LYS B 43 14.93 -8.11 -5.00
CA LYS B 43 15.87 -8.44 -3.94
C LYS B 43 16.43 -7.16 -3.33
N GLY B 44 16.44 -7.11 -2.01
CA GLY B 44 16.94 -5.94 -1.32
C GLY B 44 15.98 -4.79 -1.17
N VAL B 45 14.76 -4.88 -1.74
CA VAL B 45 13.83 -3.75 -1.68
C VAL B 45 12.88 -3.93 -0.51
N ALA B 46 12.67 -2.86 0.24
CA ALA B 46 11.75 -2.91 1.37
C ALA B 46 10.33 -2.75 0.85
N VAL B 47 9.51 -3.79 1.01
CA VAL B 47 8.10 -3.75 0.61
C VAL B 47 7.26 -3.41 1.84
N LYS B 48 6.62 -2.25 1.80
CA LYS B 48 5.82 -1.80 2.93
C LYS B 48 4.55 -2.66 3.03
N VAL B 49 4.38 -3.30 4.18
CA VAL B 49 3.35 -4.31 4.35
C VAL B 49 1.98 -3.67 4.27
N GLU B 50 1.05 -4.34 3.57
CA GLU B 50 -0.32 -3.88 3.46
C GLU B 50 -1.22 -5.11 3.58
N GLU B 51 -2.51 -4.94 3.27
CA GLU B 51 -3.23 -6.18 3.10
C GLU B 51 -2.96 -6.77 1.71
N PRO B 52 -2.77 -8.07 1.62
CA PRO B 52 -2.42 -8.66 0.32
C PRO B 52 -3.60 -8.68 -0.64
N ARG B 53 -3.30 -8.43 -1.91
CA ARG B 53 -4.27 -8.45 -3.00
C ARG B 53 -3.93 -9.45 -4.09
N TYR B 54 -2.73 -10.02 -4.08
CA TYR B 54 -2.30 -11.00 -5.07
C TYR B 54 -1.39 -11.99 -4.37
N LYS B 55 -1.32 -13.21 -4.89
CA LYS B 55 -0.34 -14.16 -4.40
C LYS B 55 1.02 -13.90 -5.02
N LYS B 56 2.07 -14.20 -4.26
CA LYS B 56 3.42 -14.16 -4.81
C LYS B 56 3.55 -15.29 -5.82
N ASP B 57 4.05 -14.97 -7.01
CA ASP B 57 4.25 -16.02 -8.02
C ASP B 57 5.62 -15.77 -8.67
N LYS B 58 6.60 -16.58 -8.26
CA LYS B 58 7.98 -16.42 -8.70
C LYS B 58 8.09 -16.45 -10.22
N GLN B 59 7.31 -17.32 -10.86
CA GLN B 59 7.40 -17.44 -12.31
C GLN B 59 6.87 -16.20 -13.02
N LEU B 60 5.79 -15.61 -12.52
CA LEU B 60 5.33 -14.36 -13.09
C LEU B 60 6.34 -13.24 -12.85
N ASN B 61 6.98 -13.23 -11.68
CA ASN B 61 7.99 -12.23 -11.39
C ASN B 61 9.19 -12.32 -12.33
N GLU B 62 9.42 -13.48 -12.95
CA GLU B 62 10.50 -13.65 -13.92
C GLU B 62 10.14 -13.12 -15.30
N LYS B 63 8.88 -12.79 -15.56
CA LYS B 63 8.46 -12.39 -16.89
C LYS B 63 8.12 -10.92 -17.03
N ILE B 64 8.24 -10.14 -15.96
CA ILE B 64 7.98 -8.70 -16.06
C ILE B 64 9.24 -7.95 -15.65
N SER B 65 9.44 -6.77 -16.25
CA SER B 65 10.55 -5.89 -15.93
C SER B 65 10.06 -4.46 -15.90
N LEU B 66 10.68 -3.66 -15.02
CA LEU B 66 10.48 -2.21 -14.97
C LEU B 66 11.81 -1.55 -15.29
N LEU B 67 11.83 -0.72 -16.32
CA LEU B 67 13.08 -0.14 -16.81
C LEU B 67 12.86 1.34 -17.08
N ARG B 68 13.78 2.17 -16.59
CA ARG B 68 13.81 3.57 -16.98
C ARG B 68 14.75 3.72 -18.18
N SER B 69 14.20 4.02 -19.34
CA SER B 69 15.02 4.08 -20.54
C SER B 69 14.28 4.75 -21.68
N ASP B 70 15.06 5.32 -22.60
CA ASP B 70 14.58 5.61 -23.94
C ASP B 70 14.14 4.31 -24.58
N ILE B 71 12.87 4.22 -24.97
CA ILE B 71 12.37 2.92 -25.39
C ILE B 71 12.95 2.50 -26.73
N THR B 72 13.41 3.47 -27.56
CA THR B 72 13.92 3.14 -28.88
C THR B 72 15.23 2.35 -28.81
N LYS B 73 15.91 2.35 -27.68
CA LYS B 73 17.14 1.59 -27.50
C LYS B 73 16.96 0.11 -27.16
N LEU B 74 15.73 -0.37 -26.90
CA LEU B 74 15.55 -1.71 -26.37
C LEU B 74 15.53 -2.74 -27.49
N GLU B 75 16.45 -3.70 -27.42
CA GLU B 75 16.53 -4.79 -28.40
C GLU B 75 15.57 -5.91 -27.98
N VAL B 76 14.30 -5.72 -28.33
CA VAL B 76 13.24 -6.68 -28.01
C VAL B 76 12.46 -6.95 -29.29
N ASP B 77 11.51 -7.89 -29.19
CA ASP B 77 10.73 -8.26 -30.36
C ASP B 77 9.85 -7.13 -30.83
N ALA B 78 9.27 -6.39 -29.90
CA ALA B 78 8.38 -5.31 -30.27
C ALA B 78 8.46 -4.25 -29.20
N ILE B 79 8.55 -2.99 -29.61
CA ILE B 79 8.27 -1.89 -28.71
C ILE B 79 6.90 -1.35 -29.11
N VAL B 80 6.18 -0.82 -28.13
CA VAL B 80 4.83 -0.32 -28.36
C VAL B 80 4.89 1.20 -28.41
N ASN B 81 4.09 1.78 -29.28
CA ASN B 81 4.14 3.20 -29.56
C ASN B 81 2.84 3.85 -29.10
N ALA B 82 2.97 4.95 -28.36
CA ALA B 82 1.81 5.75 -27.97
C ALA B 82 1.42 6.63 -29.14
N ALA B 83 0.69 6.04 -30.09
CA ALA B 83 0.47 6.67 -31.38
C ALA B 83 -0.74 7.60 -31.36
N ASN B 84 -1.02 8.24 -32.49
CA ASN B 84 -2.30 8.90 -32.67
C ASN B 84 -3.12 8.14 -33.72
N SER B 85 -4.41 8.50 -33.82
CA SER B 85 -5.32 7.75 -34.68
C SER B 85 -4.97 7.80 -36.16
N SER B 86 -4.10 8.72 -36.59
CA SER B 86 -3.70 8.73 -37.99
C SER B 86 -2.32 8.12 -38.21
N LEU B 87 -1.62 7.71 -37.15
CA LEU B 87 -0.33 7.01 -37.25
C LEU B 87 0.74 7.85 -37.93
N LEU B 88 0.64 9.18 -37.88
CA LEU B 88 1.61 10.05 -38.54
C LEU B 88 2.70 10.59 -37.61
N GLY B 89 2.74 10.18 -36.35
CA GLY B 89 3.79 10.64 -35.46
C GLY B 89 3.37 11.83 -34.63
N GLY B 90 4.29 12.28 -33.77
CA GLY B 90 4.01 13.43 -32.94
C GLY B 90 5.13 13.72 -31.97
N GLY B 91 4.78 14.44 -30.90
CA GLY B 91 5.78 15.01 -30.01
C GLY B 91 6.28 14.16 -28.87
N GLY B 92 5.62 13.03 -28.55
CA GLY B 92 6.03 12.24 -27.41
C GLY B 92 6.94 11.09 -27.83
N VAL B 93 6.68 9.88 -27.33
CA VAL B 93 7.46 8.71 -27.75
C VAL B 93 7.30 8.45 -29.22
N ASP B 94 6.11 8.75 -29.75
CA ASP B 94 5.82 8.57 -31.16
C ASP B 94 6.87 9.26 -32.04
N GLY B 95 7.28 10.47 -31.65
CA GLY B 95 8.30 11.17 -32.42
C GLY B 95 9.67 10.53 -32.28
N CYS B 96 9.97 10.00 -31.09
CA CYS B 96 11.27 9.38 -30.86
C CYS B 96 11.38 8.11 -31.69
N ILE B 97 10.28 7.36 -31.76
CA ILE B 97 10.26 6.09 -32.48
C ILE B 97 10.38 6.34 -34.00
N HIS B 98 9.65 7.33 -34.51
CA HIS B 98 9.73 7.67 -35.92
C HIS B 98 11.12 8.13 -36.31
N ARG B 99 11.72 9.05 -35.53
CA ARG B 99 13.05 9.53 -35.88
C ARG B 99 14.08 8.42 -35.76
N ALA B 100 13.89 7.50 -34.83
CA ALA B 100 14.88 6.45 -34.66
C ALA B 100 14.68 5.33 -35.68
N ALA B 101 13.43 4.99 -35.98
CA ALA B 101 13.18 3.93 -36.96
C ALA B 101 13.53 4.38 -38.38
N GLY B 102 13.28 5.66 -38.71
CA GLY B 102 13.55 6.19 -40.03
C GLY B 102 12.28 6.49 -40.81
N PRO B 103 12.42 7.10 -41.99
CA PRO B 103 11.21 7.48 -42.75
C PRO B 103 10.44 6.30 -43.30
N LEU B 104 11.07 5.12 -43.42
CA LEU B 104 10.33 3.96 -43.92
C LEU B 104 9.29 3.48 -42.92
N LEU B 105 9.48 3.74 -41.63
CA LEU B 105 8.40 3.50 -40.68
C LEU B 105 7.16 4.31 -41.04
N THR B 106 7.36 5.57 -41.43
CA THR B 106 6.24 6.42 -41.83
C THR B 106 5.50 5.81 -43.02
N ASP B 107 6.24 5.38 -44.04
CA ASP B 107 5.59 4.81 -45.22
C ASP B 107 4.69 3.62 -44.84
N GLU B 108 5.20 2.70 -44.02
CA GLU B 108 4.36 1.56 -43.65
C GLU B 108 3.11 2.01 -42.90
N CYS B 109 3.26 2.97 -41.98
CA CYS B 109 2.09 3.50 -41.29
C CYS B 109 1.07 4.08 -42.24
N ARG B 110 1.51 4.70 -43.34
CA ARG B 110 0.55 5.29 -44.25
C ARG B 110 -0.27 4.25 -45.00
N THR B 111 0.24 3.01 -45.15
CA THR B 111 -0.59 1.95 -45.71
C THR B 111 -1.69 1.52 -44.75
N LEU B 112 -1.51 1.75 -43.44
CA LEU B 112 -2.58 1.61 -42.45
C LEU B 112 -3.18 2.99 -42.24
N GLN B 113 -4.32 3.27 -42.88
CA GLN B 113 -4.86 4.63 -42.85
C GLN B 113 -5.10 5.12 -41.42
N SER B 114 -5.46 4.22 -40.49
CA SER B 114 -5.99 4.63 -39.21
C SER B 114 -5.71 3.56 -38.15
N CYS B 115 -5.85 3.94 -36.89
CA CYS B 115 -5.92 2.97 -35.80
C CYS B 115 -6.84 3.56 -34.73
N LYS B 116 -7.81 2.77 -34.29
CA LYS B 116 -8.81 3.30 -33.36
C LYS B 116 -8.30 3.28 -31.92
N THR B 117 -8.91 4.14 -31.10
CA THR B 117 -8.62 4.19 -29.66
C THR B 117 -8.82 2.80 -29.06
N GLY B 118 -7.86 2.36 -28.24
CA GLY B 118 -7.91 1.07 -27.59
C GLY B 118 -7.53 -0.12 -28.46
N LYS B 119 -7.19 0.13 -29.73
CA LYS B 119 -6.81 -0.90 -30.71
C LYS B 119 -5.35 -0.74 -31.07
N ALA B 120 -4.84 -1.69 -31.87
CA ALA B 120 -3.41 -1.76 -32.16
C ALA B 120 -3.18 -2.26 -33.59
N LYS B 121 -2.03 -1.88 -34.15
CA LYS B 121 -1.55 -2.39 -35.43
C LYS B 121 -0.03 -2.54 -35.35
N ILE B 122 0.54 -3.40 -36.20
CA ILE B 122 1.96 -3.72 -36.15
C ILE B 122 2.62 -3.26 -37.45
N THR B 123 3.84 -2.74 -37.34
CA THR B 123 4.70 -2.43 -38.47
C THR B 123 6.09 -2.98 -38.22
N GLY B 124 6.99 -2.80 -39.18
CA GLY B 124 8.41 -3.15 -39.03
C GLY B 124 9.16 -2.15 -38.16
N GLY B 125 10.27 -2.55 -37.57
CA GLY B 125 11.03 -1.66 -36.67
C GLY B 125 12.05 -0.83 -37.42
N TYR B 126 12.38 -1.25 -38.64
CA TYR B 126 13.35 -0.51 -39.47
C TYR B 126 14.67 -0.39 -38.73
N ARG B 127 15.14 0.84 -38.53
CA ARG B 127 16.46 1.05 -37.88
C ARG B 127 16.42 0.77 -36.37
N LEU B 128 15.23 0.59 -35.80
CA LEU B 128 15.16 0.31 -34.37
C LEU B 128 15.79 -1.04 -34.06
N PRO B 129 16.46 -1.16 -32.91
CA PRO B 129 16.81 -2.51 -32.41
C PRO B 129 15.60 -3.42 -32.28
N ALA B 130 14.42 -2.89 -31.94
CA ALA B 130 13.21 -3.69 -31.93
C ALA B 130 12.86 -4.19 -33.33
N LYS B 131 12.45 -5.45 -33.42
CA LYS B 131 12.12 -5.98 -34.73
C LYS B 131 10.80 -5.43 -35.24
N TYR B 132 9.85 -5.16 -34.33
CA TYR B 132 8.53 -4.65 -34.72
C TYR B 132 8.13 -3.49 -33.82
N VAL B 133 7.17 -2.71 -34.29
CA VAL B 133 6.55 -1.66 -33.49
C VAL B 133 5.06 -1.91 -33.49
N ILE B 134 4.47 -1.89 -32.31
CA ILE B 134 3.03 -2.10 -32.15
C ILE B 134 2.45 -0.75 -31.78
N HIS B 135 1.64 -0.20 -32.68
CA HIS B 135 1.11 1.15 -32.54
C HIS B 135 -0.27 1.07 -31.92
N THR B 136 -0.49 1.80 -30.84
CA THR B 136 -1.82 1.80 -30.27
C THR B 136 -2.17 3.24 -29.89
N VAL B 137 -3.47 3.51 -29.85
CA VAL B 137 -3.97 4.86 -29.59
C VAL B 137 -4.70 4.84 -28.25
N GLY B 138 -4.14 5.53 -27.27
CA GLY B 138 -4.74 5.61 -25.96
C GLY B 138 -5.84 6.65 -25.91
N PRO B 139 -6.61 6.61 -24.82
CA PRO B 139 -7.65 7.62 -24.63
C PRO B 139 -7.04 8.98 -24.33
N ILE B 140 -7.76 10.02 -24.72
CA ILE B 140 -7.39 11.40 -24.41
C ILE B 140 -8.15 11.80 -23.16
N ALA B 141 -7.45 11.85 -22.03
CA ALA B 141 -8.16 12.00 -20.75
C ALA B 141 -8.46 13.45 -20.44
N TYR B 142 -7.54 14.37 -20.77
CA TYR B 142 -7.70 15.76 -20.39
C TYR B 142 -7.89 15.87 -18.88
N GLY B 143 -7.03 15.18 -18.13
CA GLY B 143 -6.98 15.35 -16.70
C GLY B 143 -7.91 14.51 -15.84
N GLU B 144 -9.12 14.20 -16.30
CA GLU B 144 -10.13 13.49 -15.50
C GLU B 144 -10.75 12.35 -16.30
N PRO B 145 -10.08 11.20 -16.33
CA PRO B 145 -10.58 10.10 -17.17
C PRO B 145 -11.89 9.51 -16.65
N SER B 146 -12.76 9.17 -17.60
CA SER B 146 -13.98 8.44 -17.25
C SER B 146 -13.71 6.94 -17.18
N ALA B 147 -14.68 6.20 -16.61
CA ALA B 147 -14.53 4.75 -16.55
C ALA B 147 -14.41 4.15 -17.94
N SER B 148 -15.14 4.69 -18.91
CA SER B 148 -15.01 4.25 -20.29
C SER B 148 -13.61 4.49 -20.84
N GLN B 149 -12.95 5.56 -20.38
CA GLN B 149 -11.57 5.80 -20.77
C GLN B 149 -10.58 4.90 -20.03
N ALA B 150 -10.85 4.56 -18.77
CA ALA B 150 -10.01 3.57 -18.12
C ALA B 150 -10.03 2.26 -18.91
N ALA B 151 -11.19 1.91 -19.45
CA ALA B 151 -11.30 0.65 -20.19
C ALA B 151 -10.54 0.71 -21.49
N GLU B 152 -10.55 1.88 -22.15
CA GLU B 152 -9.79 2.07 -23.39
C GLU B 152 -8.28 1.96 -23.14
N LEU B 153 -7.81 2.52 -22.02
CA LEU B 153 -6.39 2.40 -21.71
C LEU B 153 -6.00 0.94 -21.52
N ARG B 154 -6.77 0.22 -20.71
CA ARG B 154 -6.55 -1.21 -20.58
C ARG B 154 -6.57 -1.90 -21.94
N SER B 155 -7.50 -1.50 -22.80
CA SER B 155 -7.62 -2.13 -24.12
C SER B 155 -6.40 -1.84 -25.01
N CYS B 156 -5.75 -0.69 -24.84
CA CYS B 156 -4.47 -0.48 -25.52
C CYS B 156 -3.50 -1.61 -25.20
N TYR B 157 -3.35 -1.93 -23.92
CA TYR B 157 -2.37 -2.93 -23.51
C TYR B 157 -2.78 -4.32 -23.98
N LEU B 158 -4.06 -4.69 -23.78
CA LEU B 158 -4.51 -6.02 -24.22
C LEU B 158 -4.45 -6.18 -25.74
N SER B 159 -4.82 -5.13 -26.49
CA SER B 159 -4.74 -5.21 -27.95
C SER B 159 -3.30 -5.35 -28.42
N SER B 160 -2.38 -4.63 -27.77
CA SER B 160 -0.97 -4.81 -28.07
C SER B 160 -0.53 -6.25 -27.78
N LEU B 161 -0.93 -6.80 -26.62
CA LEU B 161 -0.50 -8.16 -26.29
C LEU B 161 -1.15 -9.19 -27.20
N ASP B 162 -2.42 -8.97 -27.57
CA ASP B 162 -3.07 -9.81 -28.56
C ASP B 162 -2.24 -9.91 -29.84
N LEU B 163 -1.77 -8.76 -30.34
CA LEU B 163 -0.95 -8.75 -31.55
C LEU B 163 0.37 -9.46 -31.34
N LEU B 164 0.99 -9.27 -30.18
CA LEU B 164 2.22 -9.99 -29.87
C LEU B 164 2.00 -11.50 -30.04
N LEU B 165 0.96 -12.02 -29.40
CA LEU B 165 0.63 -13.44 -29.49
C LEU B 165 0.40 -13.88 -30.92
N GLU B 166 -0.45 -13.14 -31.65
CA GLU B 166 -0.79 -13.55 -33.02
C GLU B 166 0.44 -13.60 -33.91
N HIS B 167 1.41 -12.71 -33.69
CA HIS B 167 2.64 -12.75 -34.47
C HIS B 167 3.71 -13.62 -33.81
N ARG B 168 3.39 -14.27 -32.69
CA ARG B 168 4.30 -15.22 -32.05
C ARG B 168 5.61 -14.55 -31.64
N LEU B 169 5.49 -13.32 -31.14
CA LEU B 169 6.60 -12.62 -30.52
C LEU B 169 6.60 -12.86 -29.02
N ARG B 170 7.77 -12.69 -28.39
CA ARG B 170 7.95 -13.11 -27.01
C ARG B 170 8.49 -12.03 -26.06
N SER B 171 8.86 -10.85 -26.58
CA SER B 171 9.31 -9.76 -25.73
C SER B 171 8.73 -8.46 -26.24
N VAL B 172 8.20 -7.64 -25.32
CA VAL B 172 7.55 -6.38 -25.66
C VAL B 172 7.82 -5.34 -24.57
N ALA B 173 8.04 -4.10 -24.98
CA ALA B 173 8.22 -3.00 -24.02
C ALA B 173 7.08 -2.00 -24.20
N PHE B 174 6.59 -1.47 -23.09
CA PHE B 174 5.48 -0.49 -23.12
C PHE B 174 5.92 0.84 -22.53
N PRO B 175 5.60 1.95 -23.21
CA PRO B 175 5.75 3.29 -22.68
C PRO B 175 4.49 3.60 -21.86
N CYS B 176 4.50 4.72 -21.15
CA CYS B 176 3.39 5.09 -20.27
C CYS B 176 2.27 5.73 -21.10
N ILE B 177 1.66 4.90 -21.94
CA ILE B 177 0.58 5.32 -22.83
C ILE B 177 -0.43 6.27 -22.19
N SER B 178 -0.76 7.35 -22.92
CA SER B 178 -1.75 8.40 -22.63
C SER B 178 -1.32 9.36 -21.55
N THR B 179 -0.18 9.16 -20.89
CA THR B 179 0.10 10.01 -19.73
C THR B 179 0.86 11.27 -20.08
N GLY B 180 1.33 11.41 -21.33
CA GLY B 180 1.99 12.62 -21.76
C GLY B 180 1.00 13.57 -22.40
N VAL B 181 1.07 13.72 -23.73
CA VAL B 181 0.18 14.64 -24.46
C VAL B 181 -1.29 14.34 -24.21
N PHE B 182 -1.67 13.05 -24.04
CA PHE B 182 -3.08 12.72 -23.82
C PHE B 182 -3.55 12.92 -22.39
N GLY B 183 -2.65 13.24 -21.46
CA GLY B 183 -3.04 13.82 -20.19
C GLY B 183 -3.68 12.89 -19.16
N TYR B 184 -3.42 11.58 -19.21
CA TYR B 184 -3.93 10.65 -18.21
C TYR B 184 -3.10 10.76 -16.94
N PRO B 185 -3.73 10.90 -15.76
CA PRO B 185 -2.95 10.93 -14.51
C PRO B 185 -2.09 9.68 -14.37
N CYS B 186 -0.83 9.89 -13.96
CA CYS B 186 0.17 8.81 -14.01
C CYS B 186 -0.13 7.73 -12.98
N GLU B 187 -0.59 8.12 -11.79
CA GLU B 187 -0.96 7.13 -10.76
C GLU B 187 -2.07 6.23 -11.27
N ALA B 188 -3.16 6.83 -11.74
CA ALA B 188 -4.30 6.05 -12.18
C ALA B 188 -3.95 5.11 -13.33
N ALA B 189 -3.12 5.59 -14.28
CA ALA B 189 -2.69 4.73 -15.38
C ALA B 189 -1.89 3.55 -14.85
N ALA B 190 -0.93 3.81 -13.96
CA ALA B 190 -0.07 2.74 -13.50
C ALA B 190 -0.87 1.64 -12.80
N GLU B 191 -1.93 2.01 -12.07
CA GLU B 191 -2.79 0.99 -11.46
C GLU B 191 -3.39 0.10 -12.53
N ILE B 192 -3.90 0.71 -13.61
CA ILE B 192 -4.55 -0.05 -14.67
C ILE B 192 -3.55 -0.97 -15.34
N VAL B 193 -2.36 -0.44 -15.67
CA VAL B 193 -1.34 -1.24 -16.36
C VAL B 193 -0.95 -2.46 -15.53
N LEU B 194 -0.67 -2.26 -14.23
CA LEU B 194 -0.12 -3.35 -13.44
C LEU B 194 -1.19 -4.43 -13.19
N ALA B 195 -2.43 -4.02 -12.95
CA ALA B 195 -3.51 -4.98 -12.83
C ALA B 195 -3.71 -5.75 -14.12
N THR B 196 -3.55 -5.05 -15.25
CA THR B 196 -3.79 -5.65 -16.55
C THR B 196 -2.68 -6.64 -16.91
N LEU B 197 -1.42 -6.26 -16.71
CA LEU B 197 -0.32 -7.17 -17.04
C LEU B 197 -0.26 -8.36 -16.12
N ARG B 198 -0.63 -8.19 -14.85
CA ARG B 198 -0.65 -9.34 -13.95
C ARG B 198 -1.65 -10.37 -14.41
N GLU B 199 -2.90 -9.94 -14.62
CA GLU B 199 -3.94 -10.87 -15.05
C GLU B 199 -3.63 -11.47 -16.41
N TRP B 200 -3.11 -10.66 -17.35
CA TRP B 200 -2.73 -11.20 -18.65
C TRP B 200 -1.65 -12.26 -18.50
N LEU B 201 -0.65 -11.98 -17.65
CA LEU B 201 0.41 -12.96 -17.44
C LEU B 201 -0.12 -14.23 -16.78
N GLU B 202 -1.09 -14.10 -15.85
CA GLU B 202 -1.73 -15.27 -15.26
C GLU B 202 -2.24 -16.20 -16.36
N GLN B 203 -2.81 -15.63 -17.42
CA GLN B 203 -3.40 -16.43 -18.49
C GLN B 203 -2.44 -16.78 -19.62
N HIS B 204 -1.27 -16.12 -19.71
CA HIS B 204 -0.49 -16.24 -20.95
C HIS B 204 1.01 -16.34 -20.71
N LYS B 205 1.44 -16.60 -19.48
CA LYS B 205 2.85 -16.47 -19.14
C LYS B 205 3.73 -17.37 -20.01
N ASP B 206 3.24 -18.52 -20.44
CA ASP B 206 4.08 -19.43 -21.21
C ASP B 206 4.38 -18.88 -22.60
N LYS B 207 3.64 -17.87 -23.06
CA LYS B 207 3.80 -17.36 -24.42
C LYS B 207 4.76 -16.19 -24.53
N VAL B 208 5.32 -15.70 -23.42
CA VAL B 208 6.24 -14.58 -23.46
C VAL B 208 7.44 -14.86 -22.58
N ASP B 209 8.56 -14.22 -22.91
CA ASP B 209 9.73 -14.20 -22.03
C ASP B 209 9.83 -12.93 -21.19
N ARG B 210 9.33 -11.81 -21.69
CA ARG B 210 9.36 -10.58 -20.88
C ARG B 210 8.31 -9.59 -21.39
N LEU B 211 7.57 -9.03 -20.45
CA LEU B 211 6.85 -7.78 -20.64
C LEU B 211 7.60 -6.69 -19.88
N ILE B 212 7.96 -5.63 -20.58
CA ILE B 212 8.80 -4.57 -20.04
C ILE B 212 7.99 -3.30 -19.89
N ILE B 213 7.99 -2.75 -18.67
CA ILE B 213 7.43 -1.43 -18.41
C ILE B 213 8.59 -0.45 -18.57
N CYS B 214 8.66 0.21 -19.73
CA CYS B 214 9.70 1.19 -20.06
C CYS B 214 9.19 2.55 -19.62
N VAL B 215 9.68 3.02 -18.50
CA VAL B 215 9.29 4.35 -18.04
C VAL B 215 10.37 5.33 -18.49
N PHE B 216 10.01 6.61 -18.53
CA PHE B 216 10.91 7.64 -19.03
C PHE B 216 11.19 8.73 -18.00
N LEU B 217 10.16 9.19 -17.30
CA LEU B 217 10.33 10.15 -16.23
C LEU B 217 10.50 9.44 -14.88
N GLU B 218 11.35 10.04 -14.03
CA GLU B 218 11.49 9.59 -12.65
C GLU B 218 10.15 9.44 -11.96
N LYS B 219 9.20 10.33 -12.29
CA LYS B 219 7.88 10.31 -11.67
C LYS B 219 7.21 8.96 -11.87
N ASP B 220 7.21 8.46 -13.11
CA ASP B 220 6.61 7.17 -13.39
C ASP B 220 7.44 6.04 -12.80
N GLU B 221 8.77 6.17 -12.80
CA GLU B 221 9.61 5.16 -12.17
C GLU B 221 9.24 4.99 -10.70
N ASP B 222 9.13 6.09 -9.96
CA ASP B 222 8.75 6.02 -8.55
C ASP B 222 7.35 5.43 -8.39
N ILE B 223 6.42 5.84 -9.27
CA ILE B 223 5.03 5.41 -9.18
C ILE B 223 4.95 3.90 -9.39
N TYR B 224 5.60 3.39 -10.45
CA TYR B 224 5.59 1.95 -10.71
C TYR B 224 6.37 1.19 -9.65
N ARG B 225 7.50 1.73 -9.20
CA ARG B 225 8.31 0.98 -8.25
C ARG B 225 7.59 0.79 -6.93
N SER B 226 6.70 1.72 -6.56
CA SER B 226 5.96 1.58 -5.31
C SER B 226 4.75 0.65 -5.45
N ARG B 227 4.20 0.51 -6.65
CA ARG B 227 3.02 -0.32 -6.87
C ARG B 227 3.35 -1.72 -7.34
N LEU B 228 4.54 -1.93 -7.90
CA LEU B 228 4.91 -3.28 -8.33
C LEU B 228 4.77 -4.33 -7.23
N PRO B 229 5.23 -4.13 -5.99
CA PRO B 229 5.13 -5.20 -4.98
C PRO B 229 3.70 -5.57 -4.60
N HIS B 230 2.72 -4.71 -4.86
CA HIS B 230 1.32 -5.04 -4.57
C HIS B 230 0.74 -5.96 -5.62
N TYR B 231 1.10 -5.73 -6.89
CA TYR B 231 0.59 -6.54 -7.98
C TYR B 231 1.46 -7.73 -8.31
N PHE B 232 2.73 -7.67 -7.92
CA PHE B 232 3.67 -8.77 -8.15
C PHE B 232 4.43 -9.04 -6.86
N PRO B 233 3.77 -9.61 -5.85
CA PRO B 233 4.40 -9.75 -4.54
C PRO B 233 5.64 -10.63 -4.59
N VAL B 234 6.59 -10.30 -3.71
CA VAL B 234 7.85 -11.01 -3.61
C VAL B 234 8.03 -11.72 -2.28
N ALA B 235 7.26 -11.36 -1.26
CA ALA B 235 7.25 -12.08 0.02
C ALA B 235 5.81 -12.38 0.41
N THR C 1 24.26 13.12 -13.21
CA THR C 1 25.07 13.12 -11.97
C THR C 1 24.17 12.82 -10.76
N SER C 2 22.92 13.24 -10.80
CA SER C 2 21.99 12.92 -9.70
C SER C 2 21.24 11.63 -10.03
N THR C 3 21.49 11.05 -11.20
CA THR C 3 20.93 9.74 -11.62
C THR C 3 22.09 8.78 -11.81
N ASP C 4 23.34 9.25 -11.73
CA ASP C 4 24.46 8.34 -11.90
C ASP C 4 24.36 7.17 -10.91
N TRP C 5 24.32 7.47 -9.61
CA TRP C 5 24.21 6.40 -8.62
C TRP C 5 22.98 5.54 -8.85
N LYS C 6 21.89 6.15 -9.32
CA LYS C 6 20.66 5.40 -9.58
C LYS C 6 20.89 4.33 -10.64
N GLU C 7 21.55 4.68 -11.74
CA GLU C 7 21.76 3.72 -12.82
C GLU C 7 22.73 2.62 -12.41
N ALA C 8 23.86 2.99 -11.80
CA ALA C 8 24.79 1.98 -11.33
C ALA C 8 24.11 1.04 -10.34
N LYS C 9 23.39 1.61 -9.36
CA LYS C 9 22.71 0.78 -8.37
C LYS C 9 21.76 -0.21 -9.03
N SER C 10 20.87 0.29 -9.90
CA SER C 10 19.91 -0.58 -10.58
C SER C 10 20.61 -1.62 -11.44
N PHE C 11 21.70 -1.21 -12.10
CA PHE C 11 22.41 -2.09 -13.03
C PHE C 11 23.05 -3.26 -12.29
N LEU C 12 23.83 -2.96 -11.25
CA LEU C 12 24.41 -4.02 -10.42
C LEU C 12 23.34 -4.97 -9.93
N LYS C 13 22.13 -4.46 -9.66
CA LYS C 13 21.04 -5.29 -9.13
C LYS C 13 20.70 -6.44 -10.06
N GLY C 14 20.94 -6.27 -11.36
CA GLY C 14 20.59 -7.31 -12.31
C GLY C 14 21.65 -8.37 -12.48
N LEU C 15 22.88 -8.08 -12.06
CA LEU C 15 23.98 -8.99 -12.29
C LEU C 15 23.91 -10.17 -11.33
N SER C 16 24.20 -11.36 -11.85
CA SER C 16 24.33 -12.54 -11.03
C SER C 16 25.53 -12.40 -10.09
N ASP C 17 25.63 -13.33 -9.14
CA ASP C 17 26.68 -13.25 -8.12
C ASP C 17 28.06 -13.29 -8.75
N LYS C 18 28.20 -13.91 -9.92
CA LYS C 18 29.50 -14.01 -10.58
C LYS C 18 29.85 -12.80 -11.43
N GLN C 19 28.90 -12.27 -12.21
CA GLN C 19 29.23 -11.07 -12.99
C GLN C 19 29.56 -9.90 -12.09
N ARG C 20 28.92 -9.83 -10.92
CA ARG C 20 29.24 -8.79 -9.95
C ARG C 20 30.73 -8.82 -9.61
N GLU C 21 31.28 -10.03 -9.47
CA GLU C 21 32.64 -10.18 -8.97
C GLU C 21 33.65 -9.45 -9.83
N GLU C 22 33.40 -9.38 -11.14
CA GLU C 22 34.26 -8.62 -12.03
C GLU C 22 34.27 -7.14 -11.69
N HIS C 23 33.21 -6.63 -11.08
CA HIS C 23 33.08 -5.21 -10.81
C HIS C 23 33.60 -4.79 -9.44
N TYR C 24 33.96 -5.75 -8.58
CA TYR C 24 34.43 -5.41 -7.24
C TYR C 24 35.73 -4.61 -7.33
N PHE C 25 35.92 -3.69 -6.38
CA PHE C 25 37.19 -3.00 -6.31
C PHE C 25 38.34 -3.94 -5.98
N CYS C 26 38.06 -5.09 -5.37
CA CYS C 26 39.12 -5.97 -4.90
C CYS C 26 39.01 -7.32 -5.60
N LYS C 27 40.16 -7.98 -5.69
CA LYS C 27 40.18 -9.34 -6.18
C LYS C 27 40.22 -10.35 -5.04
N ASP C 28 40.67 -9.95 -3.86
CA ASP C 28 40.78 -10.87 -2.70
C ASP C 28 39.57 -10.70 -1.78
N PHE C 29 38.37 -10.85 -2.33
CA PHE C 29 37.19 -10.75 -1.48
C PHE C 29 37.01 -12.05 -0.69
N VAL C 30 36.28 -11.93 0.40
CA VAL C 30 35.99 -13.05 1.29
C VAL C 30 34.54 -13.48 1.04
N ARG C 31 34.37 -14.67 0.48
CA ARG C 31 33.05 -15.23 0.30
C ARG C 31 32.48 -15.66 1.65
N LEU C 32 31.15 -15.62 1.76
CA LEU C 32 30.50 -15.96 3.02
C LEU C 32 30.73 -17.41 3.40
N LYS C 33 30.62 -18.34 2.43
CA LYS C 33 30.75 -19.76 2.75
C LYS C 33 32.13 -20.13 3.32
N LYS C 34 33.12 -19.24 3.26
CA LYS C 34 34.44 -19.54 3.78
C LYS C 34 34.78 -18.72 5.03
N ILE C 35 33.81 -17.99 5.55
CA ILE C 35 33.91 -17.41 6.89
C ILE C 35 33.34 -18.45 7.85
N PRO C 36 34.13 -18.95 8.80
CA PRO C 36 33.62 -19.99 9.70
C PRO C 36 32.64 -19.44 10.72
N THR C 37 31.71 -20.30 11.12
CA THR C 37 30.74 -19.94 12.15
C THR C 37 31.37 -20.09 13.52
N TRP C 38 30.71 -19.51 14.53
CA TRP C 38 31.20 -19.68 15.89
C TRP C 38 31.18 -21.16 16.28
N LYS C 39 30.18 -21.90 15.79
CA LYS C 39 30.11 -23.33 16.05
C LYS C 39 31.42 -24.01 15.67
N GLU C 40 31.88 -23.79 14.44
CA GLU C 40 33.14 -24.39 13.99
C GLU C 40 34.34 -23.78 14.70
N MET C 41 34.38 -22.45 14.84
CA MET C 41 35.55 -21.75 15.37
C MET C 41 35.80 -22.06 16.85
N ALA C 42 34.80 -22.53 17.59
CA ALA C 42 34.95 -22.78 19.02
C ALA C 42 35.51 -24.16 19.34
N LYS C 43 35.50 -25.08 18.37
CA LYS C 43 36.16 -26.36 18.58
C LYS C 43 37.62 -26.12 18.91
N GLY C 44 38.12 -26.83 19.92
CA GLY C 44 39.50 -26.69 20.33
C GLY C 44 39.79 -25.49 21.21
N VAL C 45 38.81 -24.66 21.52
CA VAL C 45 39.07 -23.46 22.33
C VAL C 45 38.77 -23.77 23.80
N ALA C 46 39.74 -23.47 24.66
CA ALA C 46 39.58 -23.65 26.10
C ALA C 46 38.63 -22.58 26.63
N VAL C 47 37.44 -22.99 27.07
CA VAL C 47 36.45 -22.07 27.61
C VAL C 47 36.67 -22.00 29.13
N LYS C 48 37.12 -20.83 29.60
CA LYS C 48 37.43 -20.68 31.02
C LYS C 48 36.16 -20.70 31.86
N VAL C 49 36.17 -21.53 32.90
CA VAL C 49 34.94 -21.89 33.60
C VAL C 49 34.30 -20.65 34.22
N GLU C 50 32.97 -20.59 34.15
CA GLU C 50 32.24 -19.39 34.53
C GLU C 50 30.83 -19.77 34.97
N GLU C 51 30.31 -18.99 35.91
CA GLU C 51 28.91 -19.02 36.23
C GLU C 51 28.09 -18.76 34.97
N PRO C 52 27.27 -19.71 34.52
CA PRO C 52 26.60 -19.55 33.22
C PRO C 52 25.52 -18.48 33.25
N ARG C 53 25.39 -17.80 32.10
CA ARG C 53 24.43 -16.71 31.91
C ARG C 53 23.52 -16.90 30.72
N TYR C 54 23.83 -17.82 29.82
CA TYR C 54 23.03 -18.13 28.66
C TYR C 54 23.06 -19.64 28.49
N LYS C 55 22.02 -20.19 27.88
CA LYS C 55 22.07 -21.60 27.53
C LYS C 55 22.85 -21.79 26.24
N LYS C 56 23.49 -22.94 26.12
CA LYS C 56 24.09 -23.34 24.87
C LYS C 56 23.00 -23.49 23.81
N ASP C 57 23.20 -22.89 22.64
CA ASP C 57 22.25 -23.07 21.56
C ASP C 57 23.01 -23.24 20.25
N LYS C 58 23.06 -24.49 19.79
CA LYS C 58 23.86 -24.86 18.63
C LYS C 58 23.41 -24.10 17.38
N GLN C 59 22.10 -23.86 17.25
CA GLN C 59 21.58 -23.18 16.08
C GLN C 59 21.97 -21.71 16.07
N LEU C 60 21.96 -21.06 17.24
CA LEU C 60 22.41 -19.68 17.31
C LEU C 60 23.91 -19.57 17.04
N ASN C 61 24.67 -20.55 17.49
CA ASN C 61 26.11 -20.56 17.23
C ASN C 61 26.42 -20.74 15.75
N GLU C 62 25.46 -21.24 14.97
CA GLU C 62 25.67 -21.40 13.54
C GLU C 62 25.45 -20.11 12.76
N LYS C 63 24.89 -19.07 13.40
CA LYS C 63 24.49 -17.86 12.68
C LYS C 63 25.31 -16.64 13.05
N ILE C 64 26.35 -16.79 13.86
CA ILE C 64 27.20 -15.66 14.22
C ILE C 64 28.64 -16.05 13.94
N SER C 65 29.41 -15.09 13.41
CA SER C 65 30.83 -15.29 13.17
C SER C 65 31.59 -14.11 13.78
N LEU C 66 32.81 -14.40 14.20
CA LEU C 66 33.78 -13.38 14.57
C LEU C 66 34.94 -13.47 13.59
N LEU C 67 35.32 -12.34 13.00
CA LEU C 67 36.31 -12.34 11.94
C LEU C 67 37.16 -11.08 12.06
N ARG C 68 38.47 -11.25 12.04
CA ARG C 68 39.37 -10.11 11.93
C ARG C 68 39.65 -9.86 10.44
N SER C 69 39.21 -8.72 9.94
CA SER C 69 39.40 -8.45 8.51
C SER C 69 39.02 -7.01 8.23
N ASP C 70 39.54 -6.52 7.11
CA ASP C 70 39.03 -5.33 6.46
C ASP C 70 37.60 -5.61 6.04
N ILE C 71 36.66 -4.79 6.51
CA ILE C 71 35.25 -5.14 6.29
C ILE C 71 34.83 -4.92 4.84
N THR C 72 35.55 -4.06 4.10
CA THR C 72 35.20 -3.81 2.71
C THR C 72 35.40 -5.03 1.83
N LYS C 73 36.11 -6.04 2.31
CA LYS C 73 36.40 -7.25 1.55
C LYS C 73 35.31 -8.32 1.64
N LEU C 74 34.29 -8.15 2.48
CA LEU C 74 33.38 -9.23 2.81
C LEU C 74 32.22 -9.26 1.82
N GLU C 75 32.10 -10.36 1.07
CA GLU C 75 31.01 -10.54 0.12
C GLU C 75 29.77 -11.01 0.87
N VAL C 76 29.04 -10.04 1.42
CA VAL C 76 27.82 -10.29 2.19
C VAL C 76 26.74 -9.36 1.67
N ASP C 77 25.51 -9.55 2.17
CA ASP C 77 24.41 -8.72 1.71
C ASP C 77 24.61 -7.27 2.11
N ALA C 78 25.09 -7.05 3.33
CA ALA C 78 25.27 -5.69 3.81
C ALA C 78 26.45 -5.63 4.76
N ILE C 79 27.27 -4.60 4.62
CA ILE C 79 28.21 -4.24 5.66
C ILE C 79 27.68 -2.97 6.29
N VAL C 80 27.93 -2.83 7.59
CA VAL C 80 27.45 -1.69 8.35
C VAL C 80 28.61 -0.73 8.52
N ASN C 81 28.31 0.56 8.41
CA ASN C 81 29.32 1.60 8.39
C ASN C 81 29.17 2.46 9.62
N ALA C 82 30.29 2.66 10.34
CA ALA C 82 30.34 3.55 11.50
C ALA C 82 30.42 4.98 10.99
N ALA C 83 29.25 5.56 10.69
CA ALA C 83 29.21 6.82 9.95
C ALA C 83 29.16 8.02 10.90
N ASN C 84 29.07 9.22 10.32
CA ASN C 84 28.75 10.42 11.08
C ASN C 84 27.39 10.94 10.63
N SER C 85 26.83 11.84 11.44
CA SER C 85 25.45 12.28 11.19
C SER C 85 25.28 13.01 9.86
N SER C 86 26.36 13.43 9.20
CA SER C 86 26.23 14.01 7.87
C SER C 86 26.32 12.99 6.74
N LEU C 87 26.74 11.77 7.03
CA LEU C 87 26.93 10.73 6.02
C LEU C 87 27.98 11.13 4.98
N LEU C 88 28.92 12.00 5.32
CA LEU C 88 29.88 12.47 4.35
C LEU C 88 31.23 11.76 4.42
N GLY C 89 31.35 10.71 5.22
CA GLY C 89 32.59 9.95 5.28
C GLY C 89 33.50 10.47 6.38
N GLY C 90 34.65 9.81 6.53
CA GLY C 90 35.53 10.17 7.62
C GLY C 90 36.77 9.32 7.60
N GLY C 91 37.57 9.44 8.66
CA GLY C 91 38.86 8.77 8.71
C GLY C 91 38.90 7.36 9.23
N GLY C 92 37.76 6.78 9.64
CA GLY C 92 37.73 5.40 10.14
C GLY C 92 37.29 4.44 9.07
N VAL C 93 36.47 3.45 9.48
CA VAL C 93 35.91 2.50 8.53
C VAL C 93 35.13 3.23 7.45
N ASP C 94 34.46 4.32 7.84
CA ASP C 94 33.73 5.16 6.92
C ASP C 94 34.61 5.51 5.71
N GLY C 95 35.81 6.01 5.97
CA GLY C 95 36.73 6.33 4.88
C GLY C 95 37.10 5.13 4.05
N CYS C 96 37.25 3.96 4.70
CA CYS C 96 37.60 2.76 3.96
C CYS C 96 36.47 2.33 3.05
N ILE C 97 35.24 2.45 3.54
CA ILE C 97 34.08 2.01 2.79
C ILE C 97 33.82 2.96 1.61
N HIS C 98 33.95 4.27 1.84
CA HIS C 98 33.80 5.24 0.77
C HIS C 98 34.84 5.05 -0.32
N ARG C 99 36.11 4.87 0.07
CA ARG C 99 37.16 4.69 -0.93
C ARG C 99 36.94 3.39 -1.70
N ALA C 100 36.46 2.36 -1.03
CA ALA C 100 36.32 1.08 -1.70
C ALA C 100 35.05 1.01 -2.54
N ALA C 101 33.96 1.62 -2.06
CA ALA C 101 32.72 1.62 -2.83
C ALA C 101 32.82 2.53 -4.05
N GLY C 102 33.50 3.67 -3.92
CA GLY C 102 33.62 4.61 -5.00
C GLY C 102 32.88 5.90 -4.71
N PRO C 103 32.99 6.87 -5.62
CA PRO C 103 32.35 8.16 -5.37
C PRO C 103 30.83 8.13 -5.53
N LEU C 104 30.27 7.14 -6.23
CA LEU C 104 28.81 7.06 -6.33
C LEU C 104 28.17 6.73 -4.98
N LEU C 105 28.89 6.07 -4.07
CA LEU C 105 28.38 5.92 -2.71
C LEU C 105 28.12 7.26 -2.07
N THR C 106 29.03 8.22 -2.28
CA THR C 106 28.86 9.56 -1.74
C THR C 106 27.62 10.23 -2.30
N ASP C 107 27.36 10.05 -3.59
CA ASP C 107 26.19 10.69 -4.21
C ASP C 107 24.89 10.18 -3.59
N GLU C 108 24.74 8.86 -3.46
CA GLU C 108 23.54 8.34 -2.82
C GLU C 108 23.43 8.85 -1.38
N CYS C 109 24.54 8.86 -0.63
CA CYS C 109 24.52 9.39 0.73
C CYS C 109 24.05 10.83 0.78
N ARG C 110 24.39 11.65 -0.24
CA ARG C 110 23.98 13.04 -0.14
C ARG C 110 22.48 13.19 -0.35
N THR C 111 21.85 12.24 -1.06
CA THR C 111 20.40 12.30 -1.18
C THR C 111 19.73 11.90 0.13
N LEU C 112 20.40 11.05 0.92
CA LEU C 112 19.94 10.77 2.30
C LEU C 112 20.53 11.97 3.03
N GLN C 113 19.71 12.85 3.56
CA GLN C 113 20.32 14.11 4.07
C GLN C 113 21.27 13.84 5.23
N SER C 114 20.83 13.05 6.20
CA SER C 114 21.64 12.81 7.41
C SER C 114 21.10 11.59 8.16
N CYS C 115 21.82 11.16 9.18
CA CYS C 115 21.41 9.99 9.99
C CYS C 115 21.54 10.38 11.46
N LYS C 116 20.52 10.12 12.26
CA LYS C 116 20.62 10.45 13.67
C LYS C 116 21.34 9.37 14.46
N THR C 117 21.86 9.77 15.63
CA THR C 117 22.55 8.86 16.52
C THR C 117 21.63 7.68 16.88
N GLY C 118 22.17 6.47 16.78
CA GLY C 118 21.40 5.27 17.09
C GLY C 118 20.45 4.80 16.02
N LYS C 119 20.36 5.49 14.87
CA LYS C 119 19.47 5.14 13.78
C LYS C 119 20.30 4.65 12.59
N ALA C 120 19.61 4.23 11.52
CA ALA C 120 20.29 3.62 10.38
C ALA C 120 19.63 3.96 9.06
N LYS C 121 20.42 3.97 7.98
CA LYS C 121 19.94 4.13 6.62
C LYS C 121 20.78 3.27 5.69
N ILE C 122 20.18 2.84 4.58
CA ILE C 122 20.82 1.89 3.67
C ILE C 122 21.09 2.56 2.32
N THR C 123 22.24 2.25 1.73
CA THR C 123 22.58 2.64 0.36
C THR C 123 23.03 1.41 -0.39
N GLY C 124 23.35 1.61 -1.67
CA GLY C 124 23.98 0.55 -2.50
C GLY C 124 25.44 0.39 -2.10
N GLY C 125 26.05 -0.74 -2.45
CA GLY C 125 27.47 -1.00 -2.12
C GLY C 125 28.40 -0.60 -3.24
N TYR C 126 27.87 -0.39 -4.43
CA TYR C 126 28.69 0.05 -5.59
C TYR C 126 29.82 -0.94 -5.83
N ARG C 127 31.07 -0.48 -5.81
CA ARG C 127 32.24 -1.35 -6.10
C ARG C 127 32.54 -2.36 -4.97
N LEU C 128 31.96 -2.20 -3.79
CA LEU C 128 32.18 -3.16 -2.69
C LEU C 128 31.57 -4.52 -3.06
N PRO C 129 32.22 -5.62 -2.68
CA PRO C 129 31.59 -6.94 -2.73
C PRO C 129 30.24 -7.00 -2.01
N ALA C 130 30.08 -6.27 -0.91
CA ALA C 130 28.78 -6.24 -0.24
C ALA C 130 27.74 -5.57 -1.13
N LYS C 131 26.53 -6.12 -1.13
CA LYS C 131 25.48 -5.61 -2.00
C LYS C 131 24.96 -4.26 -1.51
N TYR C 132 24.87 -4.08 -0.19
CA TYR C 132 24.37 -2.83 0.38
C TYR C 132 25.29 -2.37 1.51
N VAL C 133 25.14 -1.09 1.87
CA VAL C 133 25.81 -0.56 3.04
C VAL C 133 24.75 0.03 3.96
N ILE C 134 24.80 -0.35 5.23
CA ILE C 134 23.87 0.16 6.22
C ILE C 134 24.66 1.16 7.06
N HIS C 135 24.26 2.41 7.01
CA HIS C 135 24.98 3.49 7.68
C HIS C 135 24.32 3.80 9.00
N THR C 136 25.11 3.83 10.06
CA THR C 136 24.56 4.15 11.36
C THR C 136 25.54 5.00 12.11
N VAL C 137 25.02 5.84 13.00
CA VAL C 137 25.82 6.82 13.72
C VAL C 137 25.82 6.41 15.20
N GLY C 138 26.97 5.99 15.71
CA GLY C 138 27.11 5.61 17.10
C GLY C 138 27.26 6.81 18.00
N PRO C 139 27.07 6.61 19.32
CA PRO C 139 27.27 7.71 20.26
C PRO C 139 28.73 8.10 20.31
N ILE C 140 28.98 9.36 20.66
CA ILE C 140 30.34 9.86 20.85
C ILE C 140 30.61 9.85 22.33
N ALA C 141 31.51 8.97 22.77
CA ALA C 141 31.65 8.69 24.20
C ALA C 141 32.50 9.74 24.90
N TYR C 142 33.63 10.13 24.31
CA TYR C 142 34.60 10.98 24.97
C TYR C 142 35.03 10.37 26.31
N GLY C 143 35.62 9.18 26.23
CA GLY C 143 36.14 8.56 27.42
C GLY C 143 35.22 7.58 28.12
N GLU C 144 34.17 8.06 28.77
CA GLU C 144 33.29 7.18 29.55
C GLU C 144 31.83 7.41 29.21
N PRO C 145 31.16 6.43 28.61
CA PRO C 145 29.79 6.64 28.15
C PRO C 145 28.80 6.69 29.30
N SER C 146 27.73 7.45 29.08
CA SER C 146 26.59 7.41 29.99
C SER C 146 25.69 6.22 29.68
N ALA C 147 24.73 5.97 30.57
CA ALA C 147 23.76 4.90 30.33
C ALA C 147 22.98 5.15 29.06
N SER C 148 22.55 6.38 28.85
CA SER C 148 21.80 6.70 27.64
C SER C 148 22.67 6.57 26.39
N GLN C 149 23.99 6.69 26.51
CA GLN C 149 24.85 6.36 25.39
C GLN C 149 25.03 4.87 25.22
N ALA C 150 25.02 4.09 26.32
CA ALA C 150 24.97 2.64 26.16
C ALA C 150 23.76 2.24 25.34
N ALA C 151 22.63 2.94 25.54
CA ALA C 151 21.40 2.62 24.83
C ALA C 151 21.51 2.98 23.35
N GLU C 152 22.16 4.10 23.05
CA GLU C 152 22.32 4.52 21.66
C GLU C 152 23.19 3.54 20.89
N LEU C 153 24.23 3.01 21.53
CA LEU C 153 25.08 2.03 20.86
C LEU C 153 24.28 0.78 20.53
N ARG C 154 23.58 0.21 21.52
CA ARG C 154 22.69 -0.90 21.26
C ARG C 154 21.72 -0.58 20.13
N SER C 155 21.21 0.66 20.10
CA SER C 155 20.24 1.05 19.08
C SER C 155 20.84 1.10 17.67
N CYS C 156 22.11 1.49 17.50
CA CYS C 156 22.75 1.35 16.18
C CYS C 156 22.66 -0.08 15.68
N TYR C 157 22.94 -1.06 16.56
CA TYR C 157 22.91 -2.44 16.10
C TYR C 157 21.48 -2.89 15.80
N LEU C 158 20.53 -2.57 16.69
CA LEU C 158 19.14 -2.97 16.46
C LEU C 158 18.54 -2.30 15.21
N SER C 159 18.87 -1.03 14.98
CA SER C 159 18.34 -0.33 13.82
C SER C 159 18.97 -0.85 12.52
N SER C 160 20.26 -1.19 12.57
CA SER C 160 20.89 -1.87 11.44
C SER C 160 20.20 -3.20 11.14
N LEU C 161 19.95 -4.01 12.17
CA LEU C 161 19.31 -5.30 11.92
C LEU C 161 17.86 -5.12 11.46
N ASP C 162 17.16 -4.14 12.03
CA ASP C 162 15.81 -3.83 11.57
C ASP C 162 15.80 -3.56 10.07
N LEU C 163 16.69 -2.67 9.61
CA LEU C 163 16.81 -2.40 8.18
C LEU C 163 17.14 -3.66 7.39
N LEU C 164 18.02 -4.50 7.92
CA LEU C 164 18.33 -5.73 7.21
C LEU C 164 17.06 -6.57 7.00
N LEU C 165 16.24 -6.67 8.05
CA LEU C 165 14.98 -7.42 8.00
C LEU C 165 14.02 -6.81 6.98
N GLU C 166 13.83 -5.49 7.03
CA GLU C 166 12.90 -4.84 6.10
C GLU C 166 13.31 -5.04 4.65
N HIS C 167 14.61 -5.14 4.35
CA HIS C 167 15.03 -5.36 2.97
C HIS C 167 15.23 -6.83 2.65
N ARG C 168 14.87 -7.73 3.58
CA ARG C 168 14.92 -9.17 3.36
C ARG C 168 16.33 -9.63 2.99
N LEU C 169 17.32 -9.05 3.68
CA LEU C 169 18.72 -9.44 3.54
C LEU C 169 19.08 -10.42 4.65
N ARG C 170 20.07 -11.29 4.39
CA ARG C 170 20.32 -12.42 5.28
C ARG C 170 21.76 -12.51 5.80
N SER C 171 22.63 -11.58 5.46
CA SER C 171 23.98 -11.60 6.01
C SER C 171 24.46 -10.17 6.15
N VAL C 172 25.07 -9.87 7.30
CA VAL C 172 25.55 -8.51 7.63
C VAL C 172 26.83 -8.63 8.43
N ALA C 173 27.76 -7.71 8.18
CA ALA C 173 28.94 -7.59 9.03
C ALA C 173 28.95 -6.21 9.68
N PHE C 174 29.38 -6.19 10.93
CA PHE C 174 29.45 -5.02 11.77
C PHE C 174 30.90 -4.72 12.10
N PRO C 175 31.30 -3.45 12.05
CA PRO C 175 32.58 -3.07 12.61
C PRO C 175 32.36 -2.62 14.03
N CYS C 176 33.43 -2.20 14.71
CA CYS C 176 33.36 -1.95 16.14
C CYS C 176 32.87 -0.53 16.39
N ILE C 177 31.60 -0.31 16.05
CA ILE C 177 30.96 1.01 16.09
C ILE C 177 31.30 1.81 17.35
N SER C 178 31.70 3.07 17.15
CA SER C 178 31.90 4.09 18.18
C SER C 178 33.24 3.92 18.88
N THR C 179 33.96 2.85 18.68
CA THR C 179 35.13 2.59 19.50
C THR C 179 36.40 3.26 18.99
N GLY C 180 36.37 3.84 17.78
CA GLY C 180 37.53 4.52 17.23
C GLY C 180 37.49 6.02 17.48
N VAL C 181 37.19 6.80 16.44
CA VAL C 181 37.10 8.26 16.56
C VAL C 181 36.10 8.68 17.63
N PHE C 182 35.01 7.93 17.80
CA PHE C 182 34.01 8.29 18.81
C PHE C 182 34.40 7.85 20.22
N GLY C 183 35.45 7.05 20.39
CA GLY C 183 36.06 6.88 21.69
C GLY C 183 35.32 6.03 22.72
N TYR C 184 34.46 5.09 22.30
CA TYR C 184 33.80 4.20 23.25
C TYR C 184 34.78 3.13 23.73
N PRO C 185 34.88 2.88 25.05
CA PRO C 185 35.77 1.84 25.53
C PRO C 185 35.44 0.49 24.88
N CYS C 186 36.50 -0.23 24.48
CA CYS C 186 36.34 -1.40 23.63
C CYS C 186 35.69 -2.57 24.39
N GLU C 187 36.00 -2.72 25.68
CA GLU C 187 35.41 -3.80 26.48
C GLU C 187 33.93 -3.57 26.71
N ALA C 188 33.56 -2.35 27.11
CA ALA C 188 32.15 -2.05 27.35
C ALA C 188 31.32 -2.15 26.08
N ALA C 189 31.85 -1.68 24.93
CA ALA C 189 31.11 -1.82 23.69
C ALA C 189 30.86 -3.29 23.36
N ALA C 190 31.88 -4.14 23.56
CA ALA C 190 31.71 -5.53 23.15
C ALA C 190 30.69 -6.27 24.01
N GLU C 191 30.58 -5.89 25.30
CA GLU C 191 29.56 -6.51 26.15
C GLU C 191 28.17 -6.20 25.62
N ILE C 192 27.98 -4.96 25.15
CA ILE C 192 26.67 -4.53 24.66
C ILE C 192 26.34 -5.25 23.36
N VAL C 193 27.30 -5.30 22.43
CA VAL C 193 27.07 -5.93 21.13
C VAL C 193 26.71 -7.40 21.31
N LEU C 194 27.50 -8.13 22.11
CA LEU C 194 27.26 -9.56 22.25
C LEU C 194 25.93 -9.84 22.92
N ALA C 195 25.58 -9.06 23.95
CA ALA C 195 24.27 -9.22 24.57
C ALA C 195 23.16 -8.90 23.57
N THR C 196 23.39 -7.88 22.75
CA THR C 196 22.37 -7.44 21.79
C THR C 196 22.20 -8.45 20.67
N LEU C 197 23.32 -8.96 20.12
CA LEU C 197 23.19 -9.93 19.03
C LEU C 197 22.56 -11.24 19.50
N ARG C 198 22.83 -11.65 20.74
CA ARG C 198 22.26 -12.89 21.24
C ARG C 198 20.75 -12.78 21.37
N GLU C 199 20.27 -11.75 22.06
CA GLU C 199 18.83 -11.57 22.21
C GLU C 199 18.16 -11.40 20.85
N TRP C 200 18.76 -10.59 19.96
CA TRP C 200 18.18 -10.43 18.63
C TRP C 200 18.12 -11.77 17.90
N LEU C 201 19.21 -12.55 17.96
CA LEU C 201 19.19 -13.86 17.32
C LEU C 201 18.18 -14.80 17.98
N GLU C 202 17.95 -14.67 19.29
CA GLU C 202 16.91 -15.48 19.91
C GLU C 202 15.56 -15.23 19.26
N GLN C 203 15.30 -13.99 18.88
CA GLN C 203 14.02 -13.61 18.32
C GLN C 203 13.93 -13.70 16.80
N HIS C 204 15.05 -13.73 16.08
CA HIS C 204 14.98 -13.55 14.63
C HIS C 204 15.86 -14.50 13.84
N LYS C 205 16.36 -15.56 14.47
CA LYS C 205 17.44 -16.36 13.87
C LYS C 205 17.01 -16.97 12.54
N ASP C 206 15.71 -17.18 12.33
CA ASP C 206 15.27 -17.78 11.08
C ASP C 206 15.43 -16.82 9.90
N LYS C 207 15.54 -15.53 10.14
CA LYS C 207 15.55 -14.52 9.07
C LYS C 207 16.95 -14.19 8.55
N VAL C 208 18.00 -14.77 9.11
CA VAL C 208 19.35 -14.47 8.65
C VAL C 208 20.14 -15.76 8.55
N ASP C 209 21.15 -15.75 7.67
CA ASP C 209 22.15 -16.81 7.62
C ASP C 209 23.39 -16.49 8.46
N ARG C 210 23.79 -15.21 8.56
CA ARG C 210 24.95 -14.88 9.38
C ARG C 210 24.96 -13.41 9.79
N LEU C 211 25.24 -13.18 11.07
CA LEU C 211 25.69 -11.90 11.59
C LEU C 211 27.19 -12.04 11.86
N ILE C 212 27.96 -11.08 11.38
CA ILE C 212 29.42 -11.11 11.43
C ILE C 212 29.91 -9.93 12.26
N ILE C 213 30.69 -10.24 13.27
CA ILE C 213 31.43 -9.27 14.05
C ILE C 213 32.78 -9.15 13.36
N CYS C 214 32.97 -8.09 12.59
CA CYS C 214 34.21 -7.95 11.82
C CYS C 214 35.08 -7.01 12.64
N VAL C 215 36.04 -7.58 13.37
CA VAL C 215 36.97 -6.76 14.15
C VAL C 215 38.14 -6.41 13.25
N PHE C 216 38.88 -5.38 13.65
CA PHE C 216 40.01 -4.86 12.88
C PHE C 216 41.30 -4.88 13.69
N LEU C 217 41.28 -4.35 14.91
CA LEU C 217 42.43 -4.43 15.80
C LEU C 217 42.46 -5.76 16.54
N GLU C 218 43.69 -6.25 16.77
CA GLU C 218 43.87 -7.40 17.64
C GLU C 218 43.23 -7.19 18.99
N LYS C 219 43.24 -5.95 19.48
CA LYS C 219 42.68 -5.67 20.80
C LYS C 219 41.22 -6.10 20.86
N ASP C 220 40.43 -5.73 19.85
CA ASP C 220 39.03 -6.14 19.85
C ASP C 220 38.89 -7.64 19.59
N GLU C 221 39.75 -8.21 18.74
CA GLU C 221 39.70 -9.64 18.50
C GLU C 221 39.83 -10.41 19.81
N ASP C 222 40.83 -10.06 20.63
CA ASP C 222 40.96 -10.71 21.94
C ASP C 222 39.75 -10.45 22.82
N ILE C 223 39.26 -9.21 22.83
CA ILE C 223 38.13 -8.85 23.70
C ILE C 223 36.91 -9.69 23.33
N TYR C 224 36.60 -9.76 22.03
CA TYR C 224 35.44 -10.53 21.58
C TYR C 224 35.67 -12.03 21.76
N ARG C 225 36.89 -12.51 21.46
CA ARG C 225 37.14 -13.94 21.58
C ARG C 225 36.92 -14.43 23.00
N SER C 226 37.25 -13.61 23.99
CA SER C 226 37.14 -14.03 25.39
C SER C 226 35.71 -13.92 25.90
N ARG C 227 34.92 -12.99 25.37
CA ARG C 227 33.55 -12.82 25.84
C ARG C 227 32.55 -13.64 25.04
N LEU C 228 32.92 -14.11 23.86
CA LEU C 228 31.98 -14.89 23.05
C LEU C 228 31.46 -16.14 23.74
N PRO C 229 32.28 -16.95 24.43
CA PRO C 229 31.73 -18.15 25.07
C PRO C 229 30.75 -17.86 26.19
N HIS C 230 30.74 -16.65 26.75
CA HIS C 230 29.76 -16.32 27.76
C HIS C 230 28.39 -16.09 27.16
N TYR C 231 28.33 -15.43 26.00
CA TYR C 231 27.05 -15.09 25.38
C TYR C 231 26.57 -16.14 24.40
N PHE C 232 27.48 -16.96 23.88
CA PHE C 232 27.15 -18.04 22.96
C PHE C 232 27.87 -19.28 23.46
N PRO C 233 27.41 -19.86 24.57
CA PRO C 233 28.15 -21.00 25.15
C PRO C 233 28.20 -22.17 24.18
N VAL C 234 29.27 -22.96 24.32
CA VAL C 234 29.48 -24.15 23.51
C VAL C 234 29.50 -25.43 24.34
N ALA C 235 29.50 -25.31 25.66
CA ALA C 235 29.36 -26.45 26.54
C ALA C 235 28.46 -26.04 27.69
N THR D 1 -11.97 -2.01 33.84
CA THR D 1 -11.66 -0.72 34.44
C THR D 1 -11.03 0.20 33.39
N SER D 2 -9.69 0.22 33.33
CA SER D 2 -9.01 0.81 32.18
C SER D 2 -9.01 -0.13 30.98
N THR D 3 -9.63 -1.31 31.12
CA THR D 3 -9.82 -2.26 30.03
C THR D 3 -11.06 -1.96 29.20
N ASP D 4 -11.98 -1.15 29.74
CA ASP D 4 -13.28 -0.97 29.12
C ASP D 4 -13.29 0.11 28.05
N TRP D 5 -12.42 1.12 28.16
CA TRP D 5 -12.20 2.03 27.03
C TRP D 5 -11.34 1.38 25.94
N LYS D 6 -10.51 0.40 26.30
CA LYS D 6 -9.90 -0.46 25.29
C LYS D 6 -10.98 -1.15 24.47
N GLU D 7 -11.85 -1.91 25.13
CA GLU D 7 -12.85 -2.71 24.44
C GLU D 7 -13.86 -1.83 23.68
N ALA D 8 -14.12 -0.62 24.16
CA ALA D 8 -15.09 0.25 23.50
C ALA D 8 -14.54 0.92 22.26
N LYS D 9 -13.25 1.29 22.27
CA LYS D 9 -12.68 1.98 21.11
C LYS D 9 -12.44 1.03 19.94
N SER D 10 -12.13 -0.24 20.23
CA SER D 10 -12.03 -1.23 19.16
C SER D 10 -13.40 -1.73 18.71
N PHE D 11 -14.37 -1.79 19.63
CA PHE D 11 -15.72 -2.20 19.26
C PHE D 11 -16.37 -1.21 18.31
N LEU D 12 -16.23 0.08 18.59
CA LEU D 12 -16.85 1.10 17.74
C LEU D 12 -16.14 1.25 16.41
N LYS D 13 -14.83 1.01 16.36
CA LYS D 13 -14.13 1.05 15.09
C LYS D 13 -14.62 -0.08 14.18
N GLY D 14 -14.75 -1.29 14.72
CA GLY D 14 -15.21 -2.43 13.95
C GLY D 14 -16.61 -2.28 13.37
N LEU D 15 -17.27 -1.16 13.66
CA LEU D 15 -18.62 -0.90 13.18
C LEU D 15 -18.59 -0.13 11.87
N SER D 16 -19.55 -0.44 11.00
CA SER D 16 -19.87 0.48 9.91
C SER D 16 -20.29 1.82 10.49
N ASP D 17 -20.22 2.86 9.66
CA ASP D 17 -20.83 4.13 10.03
C ASP D 17 -22.31 4.20 9.64
N LYS D 18 -22.85 3.10 9.11
CA LYS D 18 -24.28 2.89 9.10
C LYS D 18 -24.77 2.30 10.42
N GLN D 19 -23.89 1.55 11.10
CA GLN D 19 -24.18 0.98 12.41
C GLN D 19 -23.75 1.88 13.57
N ARG D 20 -22.81 2.80 13.33
CA ARG D 20 -22.39 3.72 14.39
C ARG D 20 -23.51 4.68 14.78
N GLU D 21 -24.41 5.00 13.83
CA GLU D 21 -25.51 5.91 14.12
C GLU D 21 -26.42 5.40 15.22
N GLU D 22 -26.41 4.09 15.48
CA GLU D 22 -27.21 3.52 16.57
C GLU D 22 -26.58 3.73 17.94
N HIS D 23 -25.29 4.06 17.99
CA HIS D 23 -24.60 4.32 19.25
C HIS D 23 -24.48 5.81 19.56
N TYR D 24 -24.97 6.69 18.68
CA TYR D 24 -24.85 8.13 18.89
C TYR D 24 -25.66 8.58 20.10
N PHE D 25 -25.04 9.40 20.96
CA PHE D 25 -25.74 9.94 22.12
C PHE D 25 -26.89 10.84 21.71
N CYS D 26 -26.81 11.45 20.54
CA CYS D 26 -27.82 12.38 20.07
C CYS D 26 -28.45 11.84 18.80
N LYS D 27 -29.72 12.16 18.60
CA LYS D 27 -30.39 11.82 17.33
C LYS D 27 -30.16 12.96 16.33
N ASP D 28 -30.07 14.19 16.83
CA ASP D 28 -29.96 15.40 15.96
C ASP D 28 -28.50 15.63 15.50
N PHE D 29 -27.95 14.70 14.72
CA PHE D 29 -26.54 14.84 14.27
C PHE D 29 -26.45 15.44 12.87
N VAL D 30 -25.50 16.36 12.72
CA VAL D 30 -25.32 17.06 11.43
C VAL D 30 -24.31 16.28 10.60
N ARG D 31 -24.70 15.87 9.39
CA ARG D 31 -23.77 15.15 8.48
C ARG D 31 -22.93 16.22 7.77
N LEU D 32 -21.71 15.86 7.40
CA LEU D 32 -20.75 16.80 6.83
C LEU D 32 -21.27 17.42 5.53
N LYS D 33 -22.06 16.68 4.75
CA LYS D 33 -22.60 17.21 3.50
C LYS D 33 -23.60 18.34 3.73
N LYS D 34 -24.23 18.39 4.91
CA LYS D 34 -25.19 19.45 5.19
C LYS D 34 -24.58 20.65 5.90
N ILE D 35 -23.25 20.74 5.97
CA ILE D 35 -22.55 21.94 6.41
C ILE D 35 -21.95 22.60 5.16
N PRO D 36 -22.40 23.77 4.76
CA PRO D 36 -21.95 24.36 3.49
C PRO D 36 -20.48 24.74 3.55
N THR D 37 -19.92 25.00 2.38
CA THR D 37 -18.54 25.45 2.26
C THR D 37 -18.48 26.98 2.27
N TRP D 38 -17.25 27.51 2.39
CA TRP D 38 -17.10 28.95 2.49
C TRP D 38 -17.47 29.65 1.18
N LYS D 39 -17.12 29.05 0.04
CA LYS D 39 -17.47 29.68 -1.23
C LYS D 39 -18.97 29.67 -1.47
N GLU D 40 -19.69 28.68 -0.91
CA GLU D 40 -21.14 28.71 -1.02
C GLU D 40 -21.77 29.59 0.05
N MET D 41 -21.13 29.72 1.21
CA MET D 41 -21.60 30.66 2.21
C MET D 41 -21.35 32.11 1.80
N ALA D 42 -20.38 32.32 0.92
CA ALA D 42 -19.89 33.67 0.54
C ALA D 42 -20.89 34.56 -0.21
N LYS D 43 -21.96 34.00 -0.79
CA LYS D 43 -22.95 34.82 -1.54
C LYS D 43 -23.84 35.58 -0.56
N GLY D 44 -24.54 36.62 -1.03
CA GLY D 44 -25.41 37.47 -0.19
C GLY D 44 -24.61 38.62 0.38
N VAL D 45 -24.05 38.45 1.60
CA VAL D 45 -23.21 39.49 2.26
C VAL D 45 -21.86 39.56 1.52
N ALA D 46 -21.21 40.71 1.56
CA ALA D 46 -19.90 40.86 0.88
C ALA D 46 -19.15 42.02 1.52
N VAL D 47 -17.84 42.10 1.28
CA VAL D 47 -17.04 43.20 1.90
C VAL D 47 -16.17 43.89 0.84
N LYS D 48 -15.94 45.19 1.00
CA LYS D 48 -15.12 46.03 0.09
C LYS D 48 -13.71 45.45 0.04
N VAL D 49 -13.00 45.67 -1.06
CA VAL D 49 -11.62 45.11 -1.18
C VAL D 49 -10.71 45.74 -0.12
N GLU D 50 -10.89 47.03 0.14
CA GLU D 50 -10.07 47.83 1.10
C GLU D 50 -8.61 47.59 0.71
N GLU D 51 -7.77 47.21 1.67
CA GLU D 51 -6.36 46.90 1.33
C GLU D 51 -6.21 45.38 1.42
N PRO D 52 -5.90 44.64 0.33
CA PRO D 52 -5.84 43.19 0.39
C PRO D 52 -4.53 42.70 0.99
N ARG D 53 -4.55 41.46 1.46
CA ARG D 53 -3.34 40.82 1.95
C ARG D 53 -3.20 39.35 1.54
N TYR D 54 -4.33 38.67 1.27
CA TYR D 54 -4.33 37.23 0.88
C TYR D 54 -4.89 37.05 -0.54
N LYS D 55 -4.24 36.20 -1.36
CA LYS D 55 -4.65 35.89 -2.77
C LYS D 55 -5.87 34.96 -2.82
N LYS D 56 -6.76 35.19 -3.79
CA LYS D 56 -7.99 34.39 -3.97
C LYS D 56 -7.69 32.97 -4.43
N ASP D 57 -8.40 32.00 -3.86
CA ASP D 57 -8.33 30.59 -4.35
C ASP D 57 -9.63 29.87 -3.98
N LYS D 58 -10.30 29.26 -4.95
CA LYS D 58 -11.54 28.51 -4.68
C LYS D 58 -11.20 27.21 -3.94
N GLN D 59 -10.02 26.65 -4.18
CA GLN D 59 -9.67 25.37 -3.53
C GLN D 59 -9.70 25.55 -2.01
N LEU D 60 -9.13 26.64 -1.49
CA LEU D 60 -9.11 26.81 -0.01
C LEU D 60 -10.54 26.90 0.51
N ASN D 61 -11.37 27.69 -0.19
CA ASN D 61 -12.71 28.03 0.24
C ASN D 61 -13.62 26.81 0.26
N GLU D 62 -13.38 25.88 -0.68
CA GLU D 62 -14.07 24.59 -0.68
C GLU D 62 -13.77 23.78 0.57
N LYS D 63 -12.69 24.09 1.27
CA LYS D 63 -12.20 23.22 2.34
C LYS D 63 -12.20 23.89 3.71
N ILE D 64 -12.89 25.02 3.87
CA ILE D 64 -13.19 25.59 5.18
C ILE D 64 -14.67 25.93 5.23
N SER D 65 -15.25 25.82 6.42
CA SER D 65 -16.63 26.20 6.63
C SER D 65 -16.76 27.02 7.92
N LEU D 66 -17.91 27.68 8.05
CA LEU D 66 -18.31 28.42 9.23
C LEU D 66 -19.78 28.17 9.47
N LEU D 67 -20.13 27.72 10.67
CA LEU D 67 -21.53 27.75 11.09
C LEU D 67 -21.60 27.55 12.59
N ARG D 68 -22.64 28.13 13.18
CA ARG D 68 -22.84 28.18 14.63
C ARG D 68 -23.62 26.94 15.05
N SER D 69 -22.95 25.98 15.67
CA SER D 69 -23.61 24.78 16.15
C SER D 69 -22.89 24.26 17.38
N ASP D 70 -23.57 23.35 18.07
CA ASP D 70 -22.97 22.63 19.18
C ASP D 70 -21.97 21.60 18.63
N ILE D 71 -20.74 21.63 19.16
CA ILE D 71 -19.72 20.69 18.74
C ILE D 71 -20.12 19.25 19.03
N THR D 72 -21.09 19.04 19.93
CA THR D 72 -21.68 17.73 20.18
C THR D 72 -22.03 16.99 18.90
N LYS D 73 -22.99 17.62 18.21
CA LYS D 73 -23.75 17.11 17.03
C LYS D 73 -22.94 17.00 15.74
N LEU D 74 -21.72 17.52 15.67
CA LEU D 74 -21.09 17.44 14.33
C LEU D 74 -20.56 16.02 14.05
N GLU D 75 -21.03 15.41 12.96
CA GLU D 75 -20.54 14.06 12.58
C GLU D 75 -19.36 14.26 11.64
N VAL D 76 -18.16 14.12 12.19
CA VAL D 76 -16.89 14.37 11.54
C VAL D 76 -15.88 13.32 11.97
N ASP D 77 -14.67 13.41 11.40
CA ASP D 77 -13.59 12.51 11.82
C ASP D 77 -13.17 12.79 13.25
N ALA D 78 -13.22 14.05 13.67
CA ALA D 78 -12.75 14.44 14.99
C ALA D 78 -13.29 15.82 15.32
N ILE D 79 -13.47 16.07 16.61
CA ILE D 79 -13.76 17.40 17.12
C ILE D 79 -12.67 17.77 18.10
N VAL D 80 -12.27 19.05 18.07
CA VAL D 80 -11.18 19.56 18.96
C VAL D 80 -11.79 19.99 20.30
N ASN D 81 -11.12 19.61 21.38
CA ASN D 81 -11.60 19.97 22.74
C ASN D 81 -10.74 21.09 23.32
N ALA D 82 -11.35 22.15 23.84
CA ALA D 82 -10.55 23.18 24.55
C ALA D 82 -10.46 22.69 26.01
N ALA D 83 -9.55 21.77 26.26
CA ALA D 83 -9.44 21.08 27.56
C ALA D 83 -8.51 21.81 28.53
N ASN D 84 -8.01 21.08 29.52
CA ASN D 84 -7.04 21.55 30.53
C ASN D 84 -5.83 20.61 30.52
N SER D 85 -4.68 20.99 31.14
CA SER D 85 -3.43 20.18 31.12
C SER D 85 -3.60 18.77 31.68
N SER D 86 -4.56 18.57 32.60
CA SER D 86 -4.90 17.21 33.10
C SER D 86 -6.01 16.51 32.28
N LEU D 87 -6.66 17.13 31.28
CA LEU D 87 -7.58 16.38 30.43
C LEU D 87 -8.81 15.87 31.17
N LEU D 88 -9.08 16.36 32.39
CA LEU D 88 -10.13 15.80 33.23
C LEU D 88 -11.52 16.40 32.95
N GLY D 89 -11.61 17.47 32.16
CA GLY D 89 -12.90 18.05 31.87
C GLY D 89 -13.06 19.48 32.37
N GLY D 90 -14.29 19.95 32.49
CA GLY D 90 -14.56 21.28 32.98
C GLY D 90 -15.98 21.73 32.64
N GLY D 91 -16.15 23.04 32.53
CA GLY D 91 -17.46 23.60 32.29
C GLY D 91 -17.55 24.48 31.05
N GLY D 92 -16.48 24.50 30.24
CA GLY D 92 -16.45 25.31 29.05
C GLY D 92 -16.85 24.52 27.81
N VAL D 93 -15.93 24.36 26.85
CA VAL D 93 -16.28 23.40 25.78
C VAL D 93 -16.05 21.95 26.21
N ASP D 94 -15.38 21.73 27.34
CA ASP D 94 -14.93 20.39 27.73
C ASP D 94 -16.04 19.57 28.37
N GLY D 95 -16.78 20.16 29.31
CA GLY D 95 -17.88 19.44 29.94
C GLY D 95 -18.91 18.95 28.95
N CYS D 96 -19.14 19.70 27.87
CA CYS D 96 -20.02 19.24 26.80
C CYS D 96 -19.50 17.94 26.19
N ILE D 97 -18.19 17.84 25.99
CA ILE D 97 -17.65 16.65 25.36
C ILE D 97 -17.68 15.46 26.30
N HIS D 98 -17.33 15.67 27.57
CA HIS D 98 -17.37 14.58 28.53
C HIS D 98 -18.78 14.02 28.66
N ARG D 99 -19.76 14.91 28.80
CA ARG D 99 -21.15 14.46 28.91
C ARG D 99 -21.66 13.87 27.60
N ALA D 100 -21.37 14.52 26.47
CA ALA D 100 -21.81 13.98 25.19
C ALA D 100 -21.09 12.67 24.87
N ALA D 101 -19.86 12.49 25.36
CA ALA D 101 -19.12 11.27 25.09
C ALA D 101 -19.32 10.17 26.13
N GLY D 102 -19.78 10.53 27.35
CA GLY D 102 -19.96 9.54 28.43
C GLY D 102 -18.69 9.25 29.19
N PRO D 103 -18.73 8.39 30.23
CA PRO D 103 -17.59 8.22 31.13
C PRO D 103 -16.30 7.68 30.51
N LEU D 104 -16.40 6.99 29.38
CA LEU D 104 -15.21 6.40 28.72
C LEU D 104 -14.26 7.49 28.22
N LEU D 105 -14.76 8.68 27.87
CA LEU D 105 -13.84 9.76 27.47
C LEU D 105 -12.91 10.03 28.64
N THR D 106 -13.47 10.10 29.86
CA THR D 106 -12.65 10.41 31.03
C THR D 106 -11.62 9.32 31.30
N ASP D 107 -11.98 8.06 31.06
CA ASP D 107 -11.07 6.95 31.36
C ASP D 107 -9.85 6.97 30.46
N GLU D 108 -10.04 7.16 29.15
CA GLU D 108 -8.88 7.22 28.26
C GLU D 108 -8.04 8.46 28.53
N CYS D 109 -8.70 9.60 28.76
CA CYS D 109 -7.99 10.83 29.12
C CYS D 109 -7.18 10.68 30.39
N ARG D 110 -7.32 9.57 31.09
CA ARG D 110 -6.64 9.29 32.33
C ARG D 110 -5.36 8.50 32.09
N THR D 111 -5.29 7.75 30.97
CA THR D 111 -4.04 7.17 30.52
C THR D 111 -3.15 8.19 29.82
N LEU D 112 -3.75 9.19 29.18
CA LEU D 112 -2.93 10.33 28.70
C LEU D 112 -2.92 11.23 29.93
N GLN D 113 -1.80 11.36 30.66
CA GLN D 113 -1.88 12.06 31.97
C GLN D 113 -2.20 13.55 31.82
N SER D 114 -1.52 14.26 30.93
CA SER D 114 -1.73 15.73 30.86
C SER D 114 -1.56 16.23 29.43
N CYS D 115 -1.76 17.53 29.27
CA CYS D 115 -1.58 18.26 28.00
C CYS D 115 -1.02 19.65 28.29
N LYS D 116 0.26 19.88 28.04
CA LYS D 116 0.79 21.22 28.24
C LYS D 116 0.38 22.15 27.09
N THR D 117 0.58 23.44 27.30
CA THR D 117 0.00 24.44 26.42
C THR D 117 0.55 24.30 25.01
N GLY D 118 -0.34 24.36 24.01
CA GLY D 118 0.06 24.17 22.63
C GLY D 118 0.27 22.72 22.23
N LYS D 119 -0.14 21.77 23.05
CA LYS D 119 -0.08 20.35 22.72
C LYS D 119 -1.45 19.83 22.34
N ALA D 120 -1.47 18.68 21.69
CA ALA D 120 -2.70 18.03 21.27
C ALA D 120 -2.57 16.52 21.46
N LYS D 121 -3.53 15.94 22.18
CA LYS D 121 -3.65 14.50 22.34
C LYS D 121 -5.01 14.05 21.82
N ILE D 122 -5.04 12.81 21.33
CA ILE D 122 -6.26 12.25 20.70
C ILE D 122 -6.74 11.05 21.49
N THR D 123 -8.06 10.96 21.62
CA THR D 123 -8.82 9.84 22.24
C THR D 123 -9.99 9.50 21.32
N GLY D 124 -10.63 8.38 21.58
CA GLY D 124 -11.78 8.00 20.77
C GLY D 124 -12.95 8.93 20.97
N GLY D 125 -13.79 8.98 19.93
CA GLY D 125 -15.07 9.73 19.93
C GLY D 125 -16.09 9.11 20.85
N TYR D 126 -16.12 7.77 20.89
CA TYR D 126 -17.05 6.95 21.71
C TYR D 126 -18.49 7.17 21.25
N ARG D 127 -19.39 7.58 22.16
CA ARG D 127 -20.85 7.77 21.85
C ARG D 127 -21.11 8.93 20.88
N LEU D 128 -20.18 9.87 20.74
CA LEU D 128 -20.27 11.05 19.84
C LEU D 128 -20.35 10.64 18.36
N PRO D 129 -21.00 11.46 17.50
CA PRO D 129 -20.99 11.19 16.07
C PRO D 129 -19.53 11.24 15.62
N ALA D 130 -18.73 12.17 16.16
CA ALA D 130 -17.35 12.27 15.73
C ALA D 130 -16.58 11.01 16.09
N LYS D 131 -15.63 10.65 15.21
CA LYS D 131 -14.89 9.41 15.38
C LYS D 131 -13.86 9.50 16.51
N TYR D 132 -13.26 10.67 16.70
CA TYR D 132 -12.22 10.87 17.69
C TYR D 132 -12.34 12.25 18.32
N VAL D 133 -11.66 12.43 19.45
CA VAL D 133 -11.51 13.73 20.09
C VAL D 133 -10.04 14.11 20.01
N ILE D 134 -9.76 15.35 19.66
CA ILE D 134 -8.42 15.90 19.75
C ILE D 134 -8.43 16.93 20.86
N HIS D 135 -7.72 16.63 21.94
CA HIS D 135 -7.67 17.49 23.12
C HIS D 135 -6.43 18.37 23.04
N THR D 136 -6.64 19.68 23.10
CA THR D 136 -5.56 20.64 23.18
C THR D 136 -5.87 21.65 24.28
N VAL D 137 -4.85 22.37 24.72
CA VAL D 137 -4.99 23.36 25.77
C VAL D 137 -4.42 24.67 25.26
N GLY D 138 -5.30 25.65 25.12
CA GLY D 138 -4.98 26.99 24.59
C GLY D 138 -4.18 27.82 25.57
N PRO D 139 -3.68 29.00 25.20
CA PRO D 139 -3.02 29.84 26.19
C PRO D 139 -4.02 30.39 27.23
N ILE D 140 -3.61 30.46 28.50
CA ILE D 140 -4.47 31.10 29.54
C ILE D 140 -4.40 32.59 29.21
N ALA D 141 -5.49 33.36 29.30
CA ALA D 141 -5.38 34.72 28.71
C ALA D 141 -5.86 35.89 29.58
N TYR D 142 -6.01 35.73 30.89
CA TYR D 142 -6.45 36.92 31.67
C TYR D 142 -5.34 37.98 31.48
N GLY D 143 -5.75 39.17 31.05
CA GLY D 143 -4.83 40.23 30.58
C GLY D 143 -4.97 40.37 29.07
N GLU D 144 -4.06 41.01 28.33
CA GLU D 144 -4.32 40.91 26.88
C GLU D 144 -3.15 40.12 26.28
N PRO D 145 -3.07 40.11 24.95
CA PRO D 145 -2.11 39.28 24.25
C PRO D 145 -0.64 39.52 24.62
N SER D 146 0.04 38.39 24.76
CA SER D 146 1.51 38.27 24.87
C SER D 146 1.90 37.70 23.52
N ALA D 147 3.05 38.13 22.97
CA ALA D 147 3.48 37.75 21.60
C ALA D 147 3.58 36.24 21.54
N SER D 148 4.18 35.66 22.57
CA SER D 148 4.33 34.20 22.73
C SER D 148 2.97 33.49 22.91
N GLN D 149 2.07 34.04 23.74
CA GLN D 149 0.76 33.40 24.05
C GLN D 149 -0.07 33.32 22.80
N ALA D 150 -0.10 34.47 22.12
CA ALA D 150 -0.75 34.60 20.83
C ALA D 150 -0.23 33.56 19.84
N ALA D 151 1.00 33.09 20.04
CA ALA D 151 1.54 31.97 19.26
C ALA D 151 1.29 30.62 19.93
N GLU D 152 0.86 30.59 21.19
CA GLU D 152 0.51 29.32 21.81
C GLU D 152 -0.94 28.92 21.53
N LEU D 153 -1.83 29.89 21.33
CA LEU D 153 -3.14 29.55 20.76
C LEU D 153 -2.99 29.02 19.34
N ARG D 154 -2.06 29.59 18.57
CA ARG D 154 -1.82 29.13 17.21
C ARG D 154 -1.35 27.69 17.15
N SER D 155 -0.52 27.28 18.11
CA SER D 155 0.07 25.95 18.12
C SER D 155 -0.92 24.86 18.58
N CYS D 156 -2.08 25.24 19.14
CA CYS D 156 -3.11 24.25 19.39
C CYS D 156 -3.79 23.84 18.09
N TYR D 157 -4.01 24.81 17.23
CA TYR D 157 -4.65 24.56 15.92
C TYR D 157 -3.76 23.67 15.06
N LEU D 158 -2.48 23.99 15.02
CA LEU D 158 -1.49 23.20 14.24
C LEU D 158 -1.23 21.81 14.85
N SER D 159 -1.13 21.66 16.17
CA SER D 159 -0.87 20.33 16.79
C SER D 159 -2.08 19.41 16.55
N SER D 160 -3.28 19.98 16.64
CA SER D 160 -4.49 19.17 16.37
C SER D 160 -4.46 18.73 14.91
N LEU D 161 -4.09 19.61 13.97
CA LEU D 161 -4.13 19.34 12.53
C LEU D 161 -3.10 18.29 12.13
N ASP D 162 -1.89 18.38 12.70
CA ASP D 162 -0.89 17.35 12.45
C ASP D 162 -1.36 15.99 12.95
N LEU D 163 -1.99 15.95 14.13
CA LEU D 163 -2.62 14.71 14.60
C LEU D 163 -3.65 14.20 13.61
N LEU D 164 -4.42 15.11 13.00
CA LEU D 164 -5.43 14.71 12.03
C LEU D 164 -4.79 14.03 10.83
N LEU D 165 -3.64 14.53 10.39
CA LEU D 165 -2.88 13.84 9.35
C LEU D 165 -2.23 12.57 9.90
N GLU D 166 -1.76 12.63 11.15
CA GLU D 166 -1.04 11.50 11.73
C GLU D 166 -1.88 10.24 11.73
N HIS D 167 -3.18 10.38 12.01
CA HIS D 167 -4.13 9.29 11.94
C HIS D 167 -4.93 9.30 10.64
N ARG D 168 -4.44 10.03 9.64
CA ARG D 168 -5.04 10.10 8.31
C ARG D 168 -6.53 10.38 8.38
N LEU D 169 -6.88 11.43 9.11
CA LEU D 169 -8.27 11.88 9.23
C LEU D 169 -8.49 13.10 8.36
N ARG D 170 -9.71 13.21 7.82
CA ARG D 170 -9.99 14.18 6.77
C ARG D 170 -11.06 15.20 7.14
N SER D 171 -11.41 15.32 8.42
CA SER D 171 -12.39 16.31 8.85
C SER D 171 -12.20 16.61 10.33
N VAL D 172 -12.45 17.87 10.69
CA VAL D 172 -12.26 18.33 12.10
C VAL D 172 -13.20 19.49 12.39
N ALA D 173 -13.59 19.67 13.65
CA ALA D 173 -14.44 20.77 14.12
C ALA D 173 -13.66 21.49 15.21
N PHE D 174 -13.58 22.81 15.10
CA PHE D 174 -12.87 23.61 16.08
C PHE D 174 -13.82 24.53 16.83
N PRO D 175 -13.78 24.54 18.16
CA PRO D 175 -14.32 25.68 18.91
C PRO D 175 -13.25 26.75 19.09
N CYS D 176 -13.70 27.96 19.46
CA CYS D 176 -12.76 29.01 19.81
C CYS D 176 -12.13 28.67 21.16
N ILE D 177 -10.99 28.02 21.02
CA ILE D 177 -10.13 27.57 22.13
C ILE D 177 -9.69 28.82 22.88
N SER D 178 -9.77 28.79 24.22
CA SER D 178 -9.44 29.87 25.21
C SER D 178 -10.52 30.96 25.22
N THR D 179 -11.67 30.71 24.61
CA THR D 179 -12.74 31.73 24.43
C THR D 179 -13.36 32.26 25.72
N GLY D 180 -13.62 31.42 26.70
CA GLY D 180 -14.31 31.97 27.89
C GLY D 180 -13.53 31.82 29.17
N VAL D 181 -13.22 30.58 29.53
CA VAL D 181 -12.48 30.25 30.78
C VAL D 181 -11.06 30.82 30.71
N PHE D 182 -10.38 30.61 29.58
CA PHE D 182 -9.03 31.13 29.49
C PHE D 182 -8.98 32.58 29.05
N GLY D 183 -10.12 33.15 28.62
CA GLY D 183 -10.28 34.59 28.56
C GLY D 183 -9.72 35.30 27.34
N TYR D 184 -9.22 34.55 26.36
CA TYR D 184 -8.69 35.18 25.15
C TYR D 184 -9.79 36.02 24.49
N PRO D 185 -9.51 37.27 24.14
CA PRO D 185 -10.50 38.04 23.38
C PRO D 185 -10.83 37.36 22.06
N CYS D 186 -12.13 37.20 21.80
CA CYS D 186 -12.57 36.43 20.65
C CYS D 186 -12.06 37.03 19.34
N GLU D 187 -12.13 38.36 19.21
CA GLU D 187 -11.64 39.01 18.00
C GLU D 187 -10.12 38.84 17.87
N ALA D 188 -9.40 38.95 18.98
CA ALA D 188 -7.98 38.62 18.97
C ALA D 188 -7.74 37.17 18.64
N ALA D 189 -8.73 36.30 18.84
CA ALA D 189 -8.58 34.88 18.51
C ALA D 189 -8.83 34.62 17.04
N ALA D 190 -9.89 35.22 16.47
CA ALA D 190 -10.20 34.99 15.06
C ALA D 190 -9.08 35.49 14.15
N GLU D 191 -8.33 36.50 14.58
CA GLU D 191 -7.13 36.94 13.86
C GLU D 191 -6.19 35.77 13.62
N ILE D 192 -5.86 35.04 14.69
CA ILE D 192 -4.88 33.96 14.60
C ILE D 192 -5.49 32.65 14.10
N VAL D 193 -6.80 32.44 14.26
CA VAL D 193 -7.41 31.23 13.71
C VAL D 193 -7.49 31.32 12.19
N LEU D 194 -7.94 32.46 11.67
CA LEU D 194 -8.14 32.61 10.24
C LEU D 194 -6.83 32.77 9.49
N ALA D 195 -5.80 33.33 10.14
CA ALA D 195 -4.48 33.36 9.53
C ALA D 195 -3.81 32.00 9.56
N THR D 196 -4.11 31.19 10.59
CA THR D 196 -3.46 29.88 10.72
C THR D 196 -4.16 28.81 9.88
N LEU D 197 -5.50 28.85 9.79
CA LEU D 197 -6.19 27.86 8.99
C LEU D 197 -6.02 28.12 7.51
N ARG D 198 -5.91 29.39 7.11
CA ARG D 198 -5.55 29.72 5.74
C ARG D 198 -4.18 29.18 5.39
N GLU D 199 -3.20 29.33 6.28
CA GLU D 199 -1.82 28.99 5.98
C GLU D 199 -1.55 27.47 6.05
N TRP D 200 -2.28 26.74 6.90
CA TRP D 200 -2.06 25.29 7.00
C TRP D 200 -2.67 24.53 5.82
N LEU D 201 -3.77 25.03 5.25
CA LEU D 201 -4.29 24.42 4.03
C LEU D 201 -3.46 24.74 2.82
N GLU D 202 -2.70 25.85 2.83
CA GLU D 202 -1.79 26.15 1.73
C GLU D 202 -0.86 24.98 1.48
N GLN D 203 -0.30 24.42 2.57
CA GLN D 203 0.70 23.37 2.49
C GLN D 203 0.13 22.00 2.82
N HIS D 204 -1.21 21.87 2.91
CA HIS D 204 -1.80 20.58 3.26
C HIS D 204 -3.23 20.40 2.76
N LYS D 205 -3.69 21.18 1.78
CA LYS D 205 -5.11 21.14 1.41
C LYS D 205 -5.53 19.76 0.90
N ASP D 206 -4.63 19.03 0.25
CA ASP D 206 -5.03 17.78 -0.40
C ASP D 206 -5.54 16.75 0.61
N LYS D 207 -4.94 16.71 1.80
CA LYS D 207 -5.12 15.60 2.73
C LYS D 207 -6.35 15.73 3.63
N VAL D 208 -7.20 16.75 3.42
CA VAL D 208 -8.42 16.92 4.20
C VAL D 208 -9.57 17.26 3.27
N ASP D 209 -10.79 17.08 3.78
CA ASP D 209 -12.02 17.44 3.06
C ASP D 209 -12.69 18.69 3.59
N ARG D 210 -12.62 18.96 4.89
CA ARG D 210 -13.20 20.18 5.45
C ARG D 210 -12.62 20.46 6.82
N LEU D 211 -12.22 21.72 7.03
CA LEU D 211 -11.94 22.24 8.37
C LEU D 211 -13.14 23.09 8.79
N ILE D 212 -13.60 22.89 10.01
CA ILE D 212 -14.82 23.52 10.51
C ILE D 212 -14.44 24.52 11.59
N ILE D 213 -14.99 25.73 11.48
CA ILE D 213 -14.94 26.72 12.56
C ILE D 213 -16.34 26.73 13.16
N CYS D 214 -16.50 26.01 14.27
CA CYS D 214 -17.82 25.74 14.84
C CYS D 214 -17.89 26.46 16.19
N VAL D 215 -18.53 27.62 16.20
CA VAL D 215 -18.52 28.53 17.35
C VAL D 215 -19.94 28.75 17.85
N PHE D 216 -20.07 29.06 19.14
CA PHE D 216 -21.32 28.94 19.89
C PHE D 216 -22.07 30.25 20.06
N LEU D 217 -21.42 31.28 20.56
CA LEU D 217 -22.08 32.56 20.77
C LEU D 217 -22.27 33.27 19.44
N GLU D 218 -23.31 34.11 19.37
CA GLU D 218 -23.53 34.87 18.14
C GLU D 218 -22.44 35.91 17.92
N LYS D 219 -21.85 36.44 18.99
CA LYS D 219 -20.77 37.40 18.83
C LYS D 219 -19.56 36.75 18.18
N ASP D 220 -19.29 35.48 18.49
CA ASP D 220 -18.22 34.77 17.81
C ASP D 220 -18.57 34.49 16.35
N GLU D 221 -19.87 34.40 16.04
CA GLU D 221 -20.27 34.19 14.65
C GLU D 221 -20.02 35.45 13.81
N ASP D 222 -20.08 36.62 14.43
CA ASP D 222 -19.87 37.87 13.71
C ASP D 222 -18.40 38.22 13.54
N ILE D 223 -17.55 37.82 14.50
CA ILE D 223 -16.12 38.12 14.41
C ILE D 223 -15.48 37.35 13.27
N TYR D 224 -16.00 36.15 12.98
CA TYR D 224 -15.52 35.30 11.90
C TYR D 224 -16.21 35.60 10.58
N ARG D 225 -17.51 35.92 10.64
CA ARG D 225 -18.25 36.42 9.47
C ARG D 225 -17.52 37.60 8.84
N SER D 226 -17.15 38.58 9.67
CA SER D 226 -16.62 39.83 9.16
C SER D 226 -15.21 39.67 8.59
N ARG D 227 -14.43 38.75 9.15
CA ARG D 227 -13.02 38.63 8.79
C ARG D 227 -12.68 37.42 7.94
N LEU D 228 -13.69 36.66 7.50
CA LEU D 228 -13.42 35.55 6.59
C LEU D 228 -13.12 36.03 5.17
N PRO D 229 -13.86 37.02 4.63
CA PRO D 229 -13.46 37.57 3.31
C PRO D 229 -12.06 38.14 3.30
N HIS D 230 -11.51 38.51 4.45
CA HIS D 230 -10.14 39.00 4.53
C HIS D 230 -9.14 37.89 4.24
N TYR D 231 -9.33 36.71 4.87
CA TYR D 231 -8.34 35.65 4.83
C TYR D 231 -8.65 34.57 3.80
N PHE D 232 -9.89 34.44 3.36
CA PHE D 232 -10.26 33.54 2.26
C PHE D 232 -11.00 34.35 1.21
N PRO D 233 -10.29 34.98 0.28
CA PRO D 233 -10.95 35.81 -0.70
C PRO D 233 -11.67 35.07 -1.84
N VAL D 234 -12.80 35.65 -2.19
CA VAL D 234 -13.64 35.28 -3.36
C VAL D 234 -13.41 36.38 -4.43
N ALA D 235 -12.85 37.51 -4.00
CA ALA D 235 -12.52 38.74 -4.78
C ALA D 235 -11.26 38.54 -5.61
N1 AR6 E . -15.50 -17.38 -9.21
C2 AR6 E . -15.67 -17.97 -8.03
N3 AR6 E . -14.78 -18.24 -7.09
C4 AR6 E . -13.56 -17.82 -7.47
C5 AR6 E . -13.24 -17.19 -8.64
C6 AR6 E . -14.27 -16.97 -9.56
N6 AR6 E . -14.10 -16.37 -10.72
N7 AR6 E . -11.88 -16.92 -8.66
C8 AR6 E . -11.43 -17.36 -7.52
N9 AR6 E . -12.40 -17.94 -6.76
PA AR6 E . -9.69 -15.06 -2.98
PB AR6 E . -9.57 -14.08 -0.22
C1' AR6 E . -12.25 -18.50 -5.44
O1A AR6 E . -8.24 -15.07 -3.03
O1B AR6 E . -8.83 -15.28 0.18
C1D AR6 E . -8.50 -10.56 -3.27
O1D AR6 E . -8.19 -10.47 -4.56
C2' AR6 E . -10.87 -18.98 -5.10
O2' AR6 E . -10.61 -20.20 -5.75
O2A AR6 E . -10.48 -14.56 -4.08
O2B AR6 E . -10.65 -13.61 0.63
C2D AR6 E . -8.94 -9.26 -2.58
O2D AR6 E . -8.78 -8.06 -3.29
C3' AR6 E . -10.94 -19.06 -3.58
O3' AR6 E . -11.44 -20.33 -3.23
O3A AR6 E . -10.09 -14.28 -1.69
C3D AR6 E . -8.18 -9.24 -1.27
O3D AR6 E . -7.03 -8.44 -1.29
C4' AR6 E . -11.99 -18.01 -3.22
O4' AR6 E . -12.48 -17.52 -4.48
C4D AR6 E . -7.83 -10.72 -1.15
O4D AR6 E . -7.52 -11.09 -2.49
C5' AR6 E . -11.52 -16.84 -2.41
O5' AR6 E . -10.16 -16.55 -2.75
C5D AR6 E . -8.96 -11.56 -0.61
O5D AR6 E . -8.53 -12.92 -0.42
N1 AR6 F . 11.10 6.49 -24.63
C2 AR6 F . 10.23 6.09 -23.70
N3 AR6 F . 9.23 6.74 -23.14
C4 AR6 F . 9.14 7.97 -23.63
C5 AR6 F . 9.96 8.54 -24.59
C6 AR6 F . 11.01 7.76 -25.09
N6 AR6 F . 11.86 8.15 -26.01
N7 AR6 F . 9.54 9.83 -24.86
C8 AR6 F . 8.51 10.02 -24.07
N9 AR6 F . 8.23 8.93 -23.30
PA AR6 F . 3.27 10.59 -24.91
PB AR6 F . 0.42 10.00 -25.10
C1' AR6 F . 7.15 8.75 -22.37
O1A AR6 F . 2.97 12.02 -24.90
O1B AR6 F . 0.20 10.70 -23.83
C1D AR6 F . 1.99 11.50 -29.36
O1D AR6 F . 3.08 12.11 -29.83
C2' AR6 F . 6.66 10.03 -21.70
O2' AR6 F . 7.53 10.54 -20.73
O2A AR6 F . 4.32 10.03 -25.73
O2B AR6 F . -0.22 8.71 -25.35
C2D AR6 F . 1.09 10.88 -30.43
O2D AR6 F . 1.39 11.18 -31.77
C3' AR6 F . 5.27 9.61 -21.22
O3' AR6 F . 5.47 8.99 -19.98
O3A AR6 F . 1.96 9.86 -25.31
C3D AR6 F . -0.32 11.28 -30.04
O3D AR6 F . -0.86 12.38 -30.75
C4' AR6 F . 4.87 8.53 -22.24
O4' AR6 F . 6.02 8.33 -23.07
C4D AR6 F . -0.09 11.70 -28.59
O4D AR6 F . 1.18 12.33 -28.64
C5' AR6 F . 3.65 8.78 -23.10
O5' AR6 F . 3.53 10.16 -23.43
C5D AR6 F . -0.07 10.54 -27.62
O5D AR6 F . 0.04 10.98 -26.27
N1 AR6 G . 37.43 -2.55 8.29
C2 AR6 G . 36.94 -2.91 9.47
N3 AR6 G . 37.02 -2.30 10.64
C4 AR6 G . 37.71 -1.16 10.52
C5 AR6 G . 38.28 -0.65 9.38
C6 AR6 G . 38.15 -1.40 8.21
N6 AR6 G . 38.63 -1.03 7.04
N7 AR6 G . 38.90 0.55 9.65
C8 AR6 G . 38.69 0.73 10.92
N9 AR6 G . 37.99 -0.25 11.51
PA AR6 G . 35.79 4.26 13.66
PB AR6 G . 33.58 5.45 15.19
C1' AR6 G . 37.54 -0.33 12.88
O1A AR6 G . 36.67 5.34 14.08
O1B AR6 G . 34.36 5.31 16.41
C1D AR6 G . 34.26 8.04 11.19
O1D AR6 G . 35.25 8.10 10.31
C2' AR6 G . 38.41 0.41 13.87
O2' AR6 G . 39.55 -0.33 14.19
O2A AR6 G . 35.78 3.79 12.29
O2B AR6 G . 32.19 5.04 15.20
C2D AR6 G . 32.92 8.69 10.84
O2D AR6 G . 32.87 9.53 9.72
C3' AR6 G . 37.45 0.67 15.04
O3' AR6 G . 37.52 -0.47 15.85
O3A AR6 G . 34.33 4.72 14.02
C3D AR6 G . 32.51 9.44 12.09
O3D AR6 G . 32.84 10.81 12.02
C4' AR6 G . 36.07 0.64 14.37
O4' AR6 G . 36.32 0.34 12.98
C4D AR6 G . 33.40 8.75 13.12
O4D AR6 G . 34.62 8.55 12.40
C5' AR6 G . 35.25 1.89 14.48
O5' AR6 G . 36.09 3.02 14.57
C5D AR6 G . 32.88 7.42 13.63
O5D AR6 G . 33.64 6.95 14.74
N1 AR6 H . -19.98 23.49 21.14
C2 AR6 H . -19.12 24.36 20.58
N3 AR6 H . -18.46 25.35 21.15
C4 AR6 H . -18.71 25.42 22.45
C5 AR6 H . -19.55 24.59 23.17
C6 AR6 H . -20.21 23.58 22.47
N6 AR6 H . -21.04 22.72 23.03
N7 AR6 H . -19.56 24.96 24.50
C8 AR6 H . -18.74 25.98 24.56
N9 AR6 H . -18.21 26.31 23.34
PA AR6 H . -14.41 26.92 27.18
PB AR6 H . -11.54 27.64 27.09
C1' AR6 H . -17.26 27.37 23.06
O1A AR6 H . -14.58 27.66 28.45
O1B AR6 H . -11.76 29.09 26.94
C1D AR6 H . -12.81 24.49 29.84
O1D AR6 H . -14.04 24.04 30.14
C2' AR6 H . -17.55 28.66 23.84
O2' AR6 H . -18.64 29.51 23.53
O2A AR6 H . -15.08 25.60 27.03
O2B AR6 H . -10.45 27.07 26.27
C2D AR6 H . -11.72 23.50 30.22
O2D AR6 H . -12.11 22.53 31.16
C3' AR6 H . -16.18 29.20 24.24
O3' AR6 H . -15.78 30.47 23.75
O3A AR6 H . -12.86 26.78 26.85
C3D AR6 H . -10.58 24.35 30.79
O3D AR6 H . -10.48 24.32 32.20
C4' AR6 H . -15.21 28.11 23.77
O4' AR6 H . -16.03 26.96 23.55
C4D AR6 H . -11.04 25.74 30.35
O4D AR6 H . -12.47 25.67 30.54
C5' AR6 H . -14.18 27.70 24.77
O5' AR6 H . -14.81 27.86 26.02
C5D AR6 H . -10.76 26.04 28.91
O5D AR6 H . -11.24 27.35 28.61
#